data_9CGT
#
_entry.id   9CGT
#
_cell.length_a   94.600
_cell.length_b   104.700
_cell.length_c   113.600
_cell.angle_alpha   90.00
_cell.angle_beta   90.00
_cell.angle_gamma   90.00
#
_symmetry.space_group_name_H-M   'P 21 21 21'
#
loop_
_entity.id
_entity.type
_entity.pdbx_description
1 polymer 'PROTEIN (CYCLODEXTRIN-GLYCOSYLTRANSFERASE)'
2 branched alpha-D-glucopyranose-(1-4)-4-thio-alpha-D-glucopyranose-(1-4)-alpha-D-glucopyranose-(1-4)-4-thio-alpha-D-glucopyranose-(1-4)-1-thio-alpha-D-glucopyranose
3 non-polymer 'CALCIUM ION'
4 water water
#
_entity_poly.entity_id   1
_entity_poly.type   'polypeptide(L)'
_entity_poly.pdbx_seq_one_letter_code
;DPDTAVTNKQSFSTDVIYQVFTDRFLDGNPSNNPTGAAYDATCSNLKLYCGGDWQGLINKINDNYFSDLGVTALWISQPV
ENIFATINYSGVTNTAYHGYWARDFKKTNPYFGTMADFQNLITTAHAKGIKIVIDFAPNHTSPAMETDTSFAENGRLYDN
GTLVGGYTNDTNGYFHHNGGSDFSSLENGIYKNLYDLADFNHNNATIDKYFKDAIKLWLDMGVDGIRVDAVKHMPLGWQK
SWMSSIYAHKPVFTFGAWFLGSAASDADNTDFANKSGMSLLDFRFNSAVRNVFRDNTSNMYALDSMINSTATDYNQVNDQ
VTFIDNHDMDRFKTSAVNNRRLEQALAFTLTSRGVPAIYYGTEQYLTGNGDPDNRAKMPSFSKSTTAFNVISKLAPLRKS
NPAIAYGSTQQRWINNDVYVYERKFGKSVAVVAVNRNLSTSASITGLSTSLPTGSYTDVLGGVLNGNNITSTNGSINNFT
LAAGATAVWQYTTAETTPTIGHVGPVMGKPGNVVTIDGRGFGSTKGTVYFGTTAVTGAAITSWEDTQIKVTIPSVAAGNY
AVKVAASGVNSNAYNNFTILTGDQVTVRFVVNNASTTLGQNLYLTGNVAELGNWSTGSTAIGPAFNQVIHQYPTWYYDVS
VPAGKQLEFKFFKKNGSTITWESGSNHTFTTPASGTATVTVNWQ
;
_entity_poly.pdbx_strand_id   A
#
# COMPACT_ATOMS: atom_id res chain seq x y z
N ASP A 1 11.36 -8.17 -20.56
CA ASP A 1 10.65 -6.90 -20.26
C ASP A 1 11.39 -5.94 -19.31
N PRO A 2 11.36 -4.64 -19.61
CA PRO A 2 12.04 -3.71 -18.73
C PRO A 2 11.29 -3.67 -17.38
N ASP A 3 11.98 -3.17 -16.36
CA ASP A 3 11.44 -3.00 -15.03
C ASP A 3 10.30 -1.97 -15.15
N THR A 4 10.44 -1.16 -16.19
CA THR A 4 9.56 -0.08 -16.58
C THR A 4 8.24 -0.46 -17.26
N ALA A 5 8.23 -1.56 -17.99
CA ALA A 5 7.04 -2.02 -18.71
C ALA A 5 5.79 -2.19 -17.86
N VAL A 6 4.63 -2.12 -18.52
CA VAL A 6 3.34 -2.25 -17.85
C VAL A 6 3.14 -3.67 -17.30
N THR A 7 3.92 -4.62 -17.81
CA THR A 7 3.83 -6.01 -17.40
C THR A 7 4.44 -6.30 -16.02
N ASN A 8 5.06 -5.30 -15.42
CA ASN A 8 5.68 -5.46 -14.09
C ASN A 8 4.66 -5.27 -12.96
N LYS A 9 3.93 -6.34 -12.66
CA LYS A 9 2.90 -6.32 -11.62
C LYS A 9 3.46 -6.32 -10.19
N GLN A 10 4.76 -6.62 -10.05
CA GLN A 10 5.38 -6.70 -8.72
C GLN A 10 6.05 -5.43 -8.20
N SER A 11 6.11 -4.38 -9.02
CA SER A 11 6.76 -3.15 -8.59
C SER A 11 6.12 -1.90 -9.21
N PHE A 12 5.75 -0.96 -8.36
CA PHE A 12 5.13 0.29 -8.79
C PHE A 12 6.04 1.51 -8.53
N SER A 13 7.28 1.25 -8.15
CA SER A 13 8.25 2.32 -7.87
C SER A 13 8.46 3.28 -9.03
N THR A 14 8.34 2.79 -10.26
CA THR A 14 8.52 3.65 -11.45
C THR A 14 7.20 4.24 -11.95
N ASP A 15 6.11 3.93 -11.26
CA ASP A 15 4.78 4.41 -11.65
C ASP A 15 4.27 5.62 -10.87
N VAL A 16 3.14 6.13 -11.33
CA VAL A 16 2.46 7.25 -10.69
C VAL A 16 0.99 6.83 -10.71
N ILE A 17 0.45 6.51 -9.54
CA ILE A 17 -0.93 6.05 -9.42
C ILE A 17 -1.94 7.19 -9.42
N TYR A 18 -3.10 6.95 -10.02
CA TYR A 18 -4.17 7.94 -10.09
C TYR A 18 -5.38 7.35 -9.39
N GLN A 19 -5.63 7.77 -8.16
CA GLN A 19 -6.76 7.26 -7.40
C GLN A 19 -8.06 7.94 -7.80
N VAL A 20 -9.04 7.13 -8.16
CA VAL A 20 -10.31 7.66 -8.60
C VAL A 20 -11.54 6.91 -8.09
N PHE A 21 -12.54 7.67 -7.63
CA PHE A 21 -13.81 7.10 -7.20
C PHE A 21 -14.54 6.93 -8.53
N THR A 22 -14.69 5.69 -8.94
CA THR A 22 -15.32 5.35 -10.21
C THR A 22 -16.62 6.09 -10.48
N ASP A 23 -17.48 6.17 -9.48
CA ASP A 23 -18.77 6.85 -9.60
C ASP A 23 -18.70 8.34 -9.88
N ARG A 24 -17.62 8.98 -9.43
CA ARG A 24 -17.45 10.42 -9.56
C ARG A 24 -16.59 10.89 -10.72
N PHE A 25 -16.17 9.97 -11.58
CA PHE A 25 -15.31 10.36 -12.70
C PHE A 25 -16.06 10.69 -13.99
N LEU A 26 -16.52 9.66 -14.71
CA LEU A 26 -17.22 9.88 -15.96
C LEU A 26 -18.25 8.77 -16.22
N ASP A 27 -19.48 9.19 -16.51
CA ASP A 27 -20.56 8.26 -16.80
C ASP A 27 -20.51 7.96 -18.31
N GLY A 28 -19.76 6.94 -18.68
CA GLY A 28 -19.63 6.59 -20.08
C GLY A 28 -20.78 5.76 -20.62
N ASN A 29 -21.59 5.23 -19.71
CA ASN A 29 -22.74 4.42 -20.09
C ASN A 29 -23.87 4.69 -19.13
N PRO A 30 -24.84 5.52 -19.54
CA PRO A 30 -26.00 5.88 -18.72
C PRO A 30 -27.00 4.74 -18.58
N SER A 31 -26.85 3.72 -19.42
CA SER A 31 -27.74 2.55 -19.42
C SER A 31 -27.60 1.68 -18.17
N ASN A 32 -26.45 1.77 -17.51
CA ASN A 32 -26.22 0.99 -16.29
C ASN A 32 -26.43 1.80 -15.01
N ASN A 33 -26.89 3.05 -15.17
CA ASN A 33 -27.13 3.93 -14.01
C ASN A 33 -28.28 3.41 -13.18
N PRO A 34 -28.18 3.56 -11.84
CA PRO A 34 -29.28 3.10 -10.99
C PRO A 34 -30.48 4.01 -11.19
N THR A 35 -31.66 3.56 -10.77
CA THR A 35 -32.88 4.34 -10.93
C THR A 35 -33.49 4.70 -9.58
N GLY A 36 -34.36 5.71 -9.59
CA GLY A 36 -35.02 6.12 -8.36
C GLY A 36 -34.27 7.09 -7.49
N ALA A 37 -34.47 6.93 -6.17
CA ALA A 37 -33.86 7.77 -5.16
C ALA A 37 -32.38 7.52 -4.93
N ALA A 38 -31.85 6.48 -5.57
CA ALA A 38 -30.45 6.12 -5.43
C ALA A 38 -29.56 6.86 -6.43
N TYR A 39 -30.19 7.56 -7.38
CA TYR A 39 -29.45 8.27 -8.42
C TYR A 39 -29.65 9.79 -8.42
N ASP A 40 -28.66 10.52 -8.90
CA ASP A 40 -28.71 11.98 -8.99
C ASP A 40 -27.91 12.43 -10.22
N ALA A 41 -28.63 12.74 -11.30
CA ALA A 41 -28.02 13.16 -12.55
C ALA A 41 -27.11 14.39 -12.42
N THR A 42 -27.51 15.33 -11.57
CA THR A 42 -26.75 16.57 -11.37
C THR A 42 -25.55 16.38 -10.44
N CYS A 43 -25.57 15.27 -9.70
CA CYS A 43 -24.50 14.93 -8.75
C CYS A 43 -24.26 16.05 -7.74
N SER A 44 -25.34 16.49 -7.11
CA SER A 44 -25.25 17.55 -6.11
C SER A 44 -25.33 16.93 -4.71
N ASN A 45 -26.06 15.83 -4.58
CA ASN A 45 -26.16 15.11 -3.31
C ASN A 45 -25.09 14.01 -3.39
N LEU A 46 -23.91 14.31 -2.83
CA LEU A 46 -22.75 13.41 -2.86
C LEU A 46 -22.85 12.06 -2.15
N LYS A 47 -24.01 11.75 -1.57
CA LYS A 47 -24.20 10.47 -0.88
C LYS A 47 -24.90 9.46 -1.80
N LEU A 48 -25.35 9.95 -2.96
CA LEU A 48 -26.03 9.12 -3.94
C LEU A 48 -25.11 8.81 -5.11
N TYR A 49 -25.58 7.92 -5.98
CA TYR A 49 -24.83 7.54 -7.18
C TYR A 49 -24.89 8.69 -8.20
N CYS A 50 -23.76 8.96 -8.84
CA CYS A 50 -23.71 10.02 -9.84
C CYS A 50 -23.62 9.44 -11.25
N GLY A 51 -23.43 8.12 -11.32
CA GLY A 51 -23.38 7.45 -12.60
C GLY A 51 -22.05 7.02 -13.17
N GLY A 52 -20.93 7.53 -12.64
CA GLY A 52 -19.61 7.16 -13.14
C GLY A 52 -19.41 5.65 -13.24
N ASP A 53 -18.76 5.19 -14.31
CA ASP A 53 -18.55 3.76 -14.50
C ASP A 53 -17.23 3.41 -15.21
N TRP A 54 -17.02 2.13 -15.49
CA TRP A 54 -15.79 1.68 -16.15
C TRP A 54 -15.70 2.12 -17.61
N GLN A 55 -16.86 2.30 -18.26
CA GLN A 55 -16.87 2.76 -19.64
C GLN A 55 -16.30 4.18 -19.69
N GLY A 56 -16.59 4.97 -18.66
CA GLY A 56 -16.09 6.33 -18.59
C GLY A 56 -14.57 6.36 -18.50
N LEU A 57 -14.01 5.45 -17.70
CA LEU A 57 -12.57 5.35 -17.53
C LEU A 57 -11.95 4.95 -18.87
N ILE A 58 -12.62 4.02 -19.56
CA ILE A 58 -12.16 3.56 -20.87
C ILE A 58 -12.10 4.72 -21.84
N ASN A 59 -13.16 5.54 -21.86
CA ASN A 59 -13.23 6.70 -22.76
C ASN A 59 -12.06 7.65 -22.55
N LYS A 60 -11.73 7.95 -21.30
CA LYS A 60 -10.62 8.87 -20.99
C LYS A 60 -9.24 8.28 -21.23
N ILE A 61 -9.14 6.96 -21.32
CA ILE A 61 -7.87 6.32 -21.61
C ILE A 61 -7.65 6.45 -23.13
N ASN A 62 -8.71 6.17 -23.88
CA ASN A 62 -8.67 6.24 -25.33
C ASN A 62 -8.48 7.63 -25.90
N ASP A 63 -9.00 8.66 -25.23
CA ASP A 63 -8.79 10.01 -25.74
C ASP A 63 -7.56 10.69 -25.13
N ASN A 64 -6.65 9.83 -24.63
CA ASN A 64 -5.36 10.22 -24.04
C ASN A 64 -5.33 11.20 -22.88
N TYR A 65 -6.35 11.21 -22.02
CA TYR A 65 -6.34 12.12 -20.89
C TYR A 65 -5.26 11.71 -19.90
N PHE A 66 -5.24 10.42 -19.56
CA PHE A 66 -4.27 9.87 -18.61
C PHE A 66 -2.84 9.83 -19.16
N SER A 67 -2.71 9.55 -20.45
CA SER A 67 -1.39 9.48 -21.08
C SER A 67 -0.77 10.87 -21.15
N ASP A 68 -1.57 11.88 -21.47
CA ASP A 68 -1.06 13.24 -21.54
C ASP A 68 -0.72 13.74 -20.13
N LEU A 69 -1.48 13.30 -19.14
CA LEU A 69 -1.26 13.68 -17.75
C LEU A 69 0.02 13.02 -17.24
N GLY A 70 0.31 11.82 -17.72
CA GLY A 70 1.53 11.13 -17.31
C GLY A 70 1.36 10.00 -16.31
N VAL A 71 0.14 9.79 -15.83
CA VAL A 71 -0.11 8.70 -14.87
C VAL A 71 -0.01 7.35 -15.56
N THR A 72 0.63 6.40 -14.89
CA THR A 72 0.84 5.06 -15.45
C THR A 72 0.08 3.94 -14.73
N ALA A 73 -0.85 4.31 -13.85
CA ALA A 73 -1.64 3.33 -13.12
C ALA A 73 -2.93 3.95 -12.59
N LEU A 74 -3.99 3.15 -12.57
CA LEU A 74 -5.29 3.59 -12.07
C LEU A 74 -5.72 2.76 -10.88
N TRP A 75 -6.01 3.43 -9.77
CA TRP A 75 -6.49 2.77 -8.57
C TRP A 75 -7.98 3.11 -8.52
N ILE A 76 -8.81 2.12 -8.79
CA ILE A 76 -10.26 2.29 -8.83
C ILE A 76 -10.98 1.74 -7.60
N SER A 77 -12.23 2.15 -7.43
CA SER A 77 -13.05 1.69 -6.30
C SER A 77 -13.19 0.18 -6.33
N GLN A 78 -13.63 -0.42 -5.23
CA GLN A 78 -13.81 -1.87 -5.17
C GLN A 78 -14.80 -2.27 -6.28
N PRO A 79 -14.39 -3.19 -7.17
CA PRO A 79 -15.22 -3.66 -8.28
C PRO A 79 -16.33 -4.66 -7.96
N VAL A 80 -16.32 -5.23 -6.76
CA VAL A 80 -17.33 -6.23 -6.40
C VAL A 80 -18.74 -5.69 -6.19
N GLU A 81 -19.72 -6.58 -6.30
CA GLU A 81 -21.12 -6.21 -6.13
C GLU A 81 -21.40 -5.75 -4.70
N ASN A 82 -21.96 -4.55 -4.59
CA ASN A 82 -22.32 -3.95 -3.31
C ASN A 82 -23.81 -4.12 -3.07
N ILE A 83 -24.29 -3.75 -1.88
CA ILE A 83 -25.71 -3.87 -1.56
C ILE A 83 -26.50 -2.92 -2.45
N PHE A 84 -27.75 -3.29 -2.73
CA PHE A 84 -28.63 -2.45 -3.57
C PHE A 84 -29.50 -1.55 -2.73
N ALA A 85 -29.80 -1.98 -1.51
CA ALA A 85 -30.64 -1.21 -0.59
C ALA A 85 -30.05 0.15 -0.28
N THR A 86 -30.96 1.07 0.00
CA THR A 86 -30.63 2.44 0.36
C THR A 86 -30.73 2.49 1.88
N ILE A 87 -29.84 3.26 2.51
CA ILE A 87 -29.85 3.36 3.96
C ILE A 87 -30.11 4.79 4.36
N ASN A 88 -30.92 4.94 5.41
CA ASN A 88 -31.27 6.27 5.92
C ASN A 88 -30.60 6.53 7.26
N TYR A 89 -29.58 7.40 7.25
CA TYR A 89 -28.84 7.75 8.47
C TYR A 89 -29.25 9.15 8.94
N SER A 90 -30.10 9.20 9.96
CA SER A 90 -30.59 10.47 10.53
C SER A 90 -31.16 11.40 9.46
N GLY A 91 -32.12 10.89 8.68
CA GLY A 91 -32.74 11.69 7.65
C GLY A 91 -32.09 11.67 6.27
N VAL A 92 -30.77 11.58 6.21
CA VAL A 92 -30.06 11.56 4.92
C VAL A 92 -29.89 10.17 4.30
N THR A 93 -30.22 10.09 3.01
CA THR A 93 -30.13 8.84 2.24
C THR A 93 -28.70 8.54 1.79
N ASN A 94 -28.25 7.32 2.08
CA ASN A 94 -26.91 6.84 1.73
C ASN A 94 -26.96 5.67 0.77
N THR A 95 -26.00 5.64 -0.16
CA THR A 95 -25.88 4.54 -1.13
C THR A 95 -24.46 3.98 -1.05
N ALA A 96 -24.22 2.85 -1.72
CA ALA A 96 -22.91 2.24 -1.73
C ALA A 96 -22.07 2.70 -2.92
N TYR A 97 -22.19 3.98 -3.30
CA TYR A 97 -21.45 4.53 -4.43
C TYR A 97 -19.93 4.36 -4.30
N HIS A 98 -19.46 4.32 -3.06
CA HIS A 98 -18.03 4.17 -2.75
C HIS A 98 -17.49 2.75 -2.96
N GLY A 99 -18.38 1.77 -3.01
CA GLY A 99 -17.97 0.39 -3.23
C GLY A 99 -17.50 -0.38 -2.00
N TYR A 100 -17.58 0.24 -0.82
CA TYR A 100 -17.15 -0.39 0.43
C TYR A 100 -18.19 -1.26 1.12
N TRP A 101 -19.41 -1.31 0.60
CA TRP A 101 -20.46 -2.13 1.21
C TRP A 101 -20.74 -3.35 0.35
N ALA A 102 -19.74 -4.22 0.26
CA ALA A 102 -19.83 -5.44 -0.54
C ALA A 102 -20.84 -6.46 -0.05
N ARG A 103 -21.36 -7.24 -0.99
CA ARG A 103 -22.31 -8.30 -0.66
C ARG A 103 -21.94 -9.57 -1.42
N ASP A 104 -21.23 -9.42 -2.53
CA ASP A 104 -20.77 -10.56 -3.31
C ASP A 104 -19.43 -10.21 -3.95
N PHE A 105 -18.36 -10.81 -3.43
CA PHE A 105 -17.01 -10.54 -3.93
C PHE A 105 -16.67 -11.28 -5.23
N LYS A 106 -17.59 -12.10 -5.73
CA LYS A 106 -17.33 -12.85 -6.95
C LYS A 106 -18.09 -12.35 -8.18
N LYS A 107 -18.82 -11.24 -8.00
CA LYS A 107 -19.57 -10.62 -9.09
C LYS A 107 -19.19 -9.15 -9.15
N THR A 108 -19.37 -8.52 -10.30
CA THR A 108 -19.04 -7.09 -10.43
C THR A 108 -20.21 -6.22 -9.97
N ASN A 109 -19.93 -4.93 -9.76
CA ASN A 109 -20.94 -3.97 -9.37
C ASN A 109 -21.58 -3.58 -10.70
N PRO A 110 -22.85 -3.97 -10.91
CA PRO A 110 -23.56 -3.67 -12.16
C PRO A 110 -23.56 -2.20 -12.54
N TYR A 111 -23.47 -1.31 -11.56
CA TYR A 111 -23.47 0.12 -11.83
C TYR A 111 -22.15 0.61 -12.43
N PHE A 112 -21.07 -0.13 -12.18
CA PHE A 112 -19.77 0.21 -12.73
C PHE A 112 -19.62 -0.50 -14.07
N GLY A 113 -20.20 -1.70 -14.17
CA GLY A 113 -20.14 -2.46 -15.40
C GLY A 113 -20.30 -3.95 -15.21
N THR A 114 -20.25 -4.68 -16.33
CA THR A 114 -20.36 -6.13 -16.31
C THR A 114 -18.96 -6.73 -16.26
N MET A 115 -18.91 -8.06 -16.10
CA MET A 115 -17.65 -8.78 -16.06
C MET A 115 -16.87 -8.49 -17.34
N ALA A 116 -17.60 -8.33 -18.45
CA ALA A 116 -17.02 -8.04 -19.76
C ALA A 116 -16.47 -6.62 -19.85
N ASP A 117 -17.16 -5.67 -19.22
CA ASP A 117 -16.71 -4.29 -19.21
C ASP A 117 -15.38 -4.20 -18.48
N PHE A 118 -15.27 -4.95 -17.38
CA PHE A 118 -14.05 -4.96 -16.59
C PHE A 118 -12.89 -5.50 -17.41
N GLN A 119 -13.11 -6.60 -18.10
CA GLN A 119 -12.06 -7.19 -18.93
C GLN A 119 -11.63 -6.21 -20.01
N ASN A 120 -12.61 -5.44 -20.49
CA ASN A 120 -12.38 -4.44 -21.51
C ASN A 120 -11.52 -3.30 -20.92
N LEU A 121 -11.75 -2.99 -19.64
CA LEU A 121 -10.98 -1.94 -18.95
C LEU A 121 -9.52 -2.38 -18.83
N ILE A 122 -9.31 -3.63 -18.40
CA ILE A 122 -7.97 -4.20 -18.24
C ILE A 122 -7.22 -4.18 -19.57
N THR A 123 -7.88 -4.68 -20.61
CA THR A 123 -7.30 -4.74 -21.95
C THR A 123 -6.95 -3.35 -22.47
N THR A 124 -7.91 -2.43 -22.43
CA THR A 124 -7.71 -1.07 -22.91
C THR A 124 -6.59 -0.37 -22.15
N ALA A 125 -6.54 -0.58 -20.83
CA ALA A 125 -5.51 0.04 -19.99
C ALA A 125 -4.11 -0.48 -20.32
N HIS A 126 -3.95 -1.80 -20.38
CA HIS A 126 -2.64 -2.39 -20.66
C HIS A 126 -2.12 -2.02 -22.04
N ALA A 127 -3.03 -1.75 -22.98
CA ALA A 127 -2.65 -1.37 -24.33
C ALA A 127 -1.96 0.00 -24.32
N LYS A 128 -2.42 0.91 -23.45
CA LYS A 128 -1.85 2.24 -23.34
C LYS A 128 -0.76 2.32 -22.27
N GLY A 129 -0.33 1.17 -21.77
CA GLY A 129 0.71 1.10 -20.76
C GLY A 129 0.31 1.55 -19.37
N ILE A 130 -0.96 1.34 -19.00
CA ILE A 130 -1.47 1.73 -17.70
C ILE A 130 -1.90 0.54 -16.87
N LYS A 131 -1.39 0.46 -15.64
CA LYS A 131 -1.73 -0.64 -14.74
C LYS A 131 -3.04 -0.36 -14.01
N ILE A 132 -3.70 -1.42 -13.56
CA ILE A 132 -4.97 -1.31 -12.85
C ILE A 132 -4.85 -1.88 -11.44
N VAL A 133 -5.12 -1.03 -10.45
CA VAL A 133 -5.07 -1.41 -9.05
C VAL A 133 -6.50 -1.38 -8.54
N ILE A 134 -6.92 -2.40 -7.79
CA ILE A 134 -8.28 -2.42 -7.26
C ILE A 134 -8.35 -2.34 -5.74
N ASP A 135 -9.45 -1.79 -5.27
CA ASP A 135 -9.70 -1.67 -3.85
C ASP A 135 -10.30 -3.02 -3.44
N PHE A 136 -9.91 -3.53 -2.29
CA PHE A 136 -10.46 -4.79 -1.81
C PHE A 136 -10.65 -4.64 -0.31
N ALA A 137 -11.87 -4.86 0.15
CA ALA A 137 -12.20 -4.73 1.56
C ALA A 137 -12.71 -6.03 2.18
N PRO A 138 -11.78 -6.90 2.62
CA PRO A 138 -12.12 -8.19 3.23
C PRO A 138 -12.46 -8.17 4.73
N ASN A 139 -12.56 -6.98 5.30
CA ASN A 139 -12.86 -6.84 6.72
C ASN A 139 -14.34 -7.02 7.06
N HIS A 140 -15.21 -6.56 6.17
CA HIS A 140 -16.65 -6.58 6.43
C HIS A 140 -17.47 -6.65 5.15
N THR A 141 -18.79 -6.70 5.34
CA THR A 141 -19.72 -6.70 4.23
C THR A 141 -20.36 -5.31 4.16
N SER A 142 -21.46 -5.14 4.88
CA SER A 142 -22.20 -3.87 4.86
C SER A 142 -22.86 -3.57 6.21
N PRO A 143 -23.49 -2.39 6.35
CA PRO A 143 -24.15 -2.02 7.61
C PRO A 143 -25.19 -3.04 8.02
N ALA A 144 -25.24 -3.35 9.30
CA ALA A 144 -26.20 -4.32 9.80
C ALA A 144 -26.55 -4.14 11.28
N MET A 145 -27.73 -4.63 11.61
CA MET A 145 -28.25 -4.60 12.97
C MET A 145 -28.70 -6.01 13.25
N GLU A 146 -28.22 -6.57 14.36
CA GLU A 146 -28.56 -7.94 14.73
C GLU A 146 -30.02 -8.12 15.15
N THR A 147 -30.58 -7.09 15.79
CA THR A 147 -31.96 -7.13 16.25
C THR A 147 -32.99 -6.73 15.18
N ASP A 148 -32.52 -6.19 14.06
CA ASP A 148 -33.42 -5.77 12.98
C ASP A 148 -32.93 -6.20 11.59
N THR A 149 -33.52 -7.27 11.06
CA THR A 149 -33.13 -7.80 9.75
C THR A 149 -33.61 -6.94 8.58
N SER A 150 -34.47 -5.96 8.85
CA SER A 150 -34.98 -5.10 7.78
C SER A 150 -34.06 -3.91 7.49
N PHE A 151 -33.07 -3.68 8.36
CA PHE A 151 -32.11 -2.60 8.16
C PHE A 151 -31.09 -3.00 7.10
N ALA A 152 -30.96 -2.15 6.07
CA ALA A 152 -30.05 -2.39 4.95
C ALA A 152 -30.30 -3.77 4.38
N GLU A 153 -29.24 -4.58 4.24
CA GLU A 153 -29.40 -5.93 3.75
C GLU A 153 -28.87 -6.92 4.78
N ASN A 154 -28.93 -6.52 6.05
CA ASN A 154 -28.50 -7.36 7.18
C ASN A 154 -27.06 -7.88 7.01
N GLY A 155 -26.24 -7.15 6.26
CA GLY A 155 -24.86 -7.55 6.04
C GLY A 155 -24.67 -8.90 5.37
N ARG A 156 -25.67 -9.34 4.61
CA ARG A 156 -25.60 -10.62 3.94
C ARG A 156 -24.47 -10.77 2.94
N LEU A 157 -23.89 -11.97 2.92
CA LEU A 157 -22.80 -12.31 2.02
C LEU A 157 -23.29 -13.36 1.02
N TYR A 158 -22.90 -13.21 -0.25
CA TYR A 158 -23.28 -14.12 -1.31
C TYR A 158 -22.05 -14.69 -2.00
N ASP A 159 -22.16 -15.93 -2.45
CA ASP A 159 -21.08 -16.61 -3.16
C ASP A 159 -21.54 -16.79 -4.60
N ASN A 160 -21.20 -15.82 -5.45
CA ASN A 160 -21.59 -15.81 -6.85
C ASN A 160 -23.10 -16.08 -7.01
N GLY A 161 -23.87 -15.40 -6.17
CA GLY A 161 -25.32 -15.55 -6.21
C GLY A 161 -25.91 -16.37 -5.08
N THR A 162 -25.17 -17.37 -4.60
CA THR A 162 -25.67 -18.23 -3.53
C THR A 162 -25.49 -17.57 -2.16
N LEU A 163 -26.55 -17.55 -1.37
CA LEU A 163 -26.49 -16.96 -0.04
C LEU A 163 -25.64 -17.81 0.91
N VAL A 164 -24.67 -17.15 1.55
CA VAL A 164 -23.81 -17.82 2.51
C VAL A 164 -24.45 -17.60 3.88
N GLY A 165 -24.73 -16.33 4.20
CA GLY A 165 -25.34 -16.02 5.48
C GLY A 165 -25.44 -14.52 5.76
N GLY A 166 -26.24 -14.17 6.76
CA GLY A 166 -26.41 -12.79 7.14
C GLY A 166 -25.98 -12.58 8.58
N TYR A 167 -26.08 -11.35 9.07
CA TYR A 167 -25.67 -11.03 10.43
C TYR A 167 -26.59 -11.61 11.51
N THR A 168 -27.88 -11.67 11.21
CA THR A 168 -28.85 -12.23 12.14
C THR A 168 -28.91 -13.74 11.94
N ASN A 169 -29.07 -14.48 13.04
CA ASN A 169 -29.12 -15.94 13.00
C ASN A 169 -27.89 -16.49 12.29
N ASP A 170 -26.73 -15.98 12.72
CA ASP A 170 -25.44 -16.39 12.17
C ASP A 170 -24.96 -17.55 13.04
N THR A 171 -25.61 -18.70 12.87
CA THR A 171 -25.30 -19.90 13.63
C THR A 171 -23.90 -20.45 13.33
N ASN A 172 -23.43 -20.23 12.10
CA ASN A 172 -22.11 -20.70 11.68
C ASN A 172 -20.97 -19.83 12.19
N GLY A 173 -21.30 -18.64 12.67
CA GLY A 173 -20.29 -17.73 13.17
C GLY A 173 -19.41 -17.17 12.07
N TYR A 174 -20.03 -16.76 10.96
CA TYR A 174 -19.28 -16.17 9.85
C TYR A 174 -18.83 -14.76 10.20
N PHE A 175 -19.52 -14.13 11.17
CA PHE A 175 -19.21 -12.77 11.58
C PHE A 175 -18.96 -12.71 13.09
N HIS A 176 -18.39 -11.59 13.52
CA HIS A 176 -18.13 -11.35 14.94
C HIS A 176 -19.38 -10.72 15.54
N HIS A 177 -19.75 -11.16 16.72
CA HIS A 177 -20.92 -10.62 17.42
C HIS A 177 -20.49 -10.07 18.77
N ASN A 178 -19.45 -9.25 18.74
CA ASN A 178 -18.88 -8.66 19.94
C ASN A 178 -19.17 -7.17 20.08
N GLY A 179 -20.18 -6.70 19.35
CA GLY A 179 -20.54 -5.29 19.40
C GLY A 179 -19.66 -4.41 18.55
N GLY A 180 -19.73 -3.11 18.82
CA GLY A 180 -18.95 -2.14 18.06
C GLY A 180 -17.70 -1.69 18.78
N SER A 181 -16.65 -1.42 18.01
CA SER A 181 -15.38 -0.98 18.55
C SER A 181 -15.42 0.45 19.08
N ASP A 182 -14.65 0.70 20.14
CA ASP A 182 -14.56 2.04 20.70
C ASP A 182 -13.17 2.60 20.42
N PHE A 183 -12.41 1.84 19.64
CA PHE A 183 -11.05 2.18 19.23
C PHE A 183 -10.08 2.42 20.39
N SER A 184 -10.36 1.82 21.55
CA SER A 184 -9.50 2.00 22.73
C SER A 184 -8.19 1.22 22.67
N SER A 185 -8.14 0.18 21.84
CA SER A 185 -6.92 -0.63 21.69
C SER A 185 -6.92 -1.30 20.32
N LEU A 186 -5.77 -1.83 19.94
CA LEU A 186 -5.62 -2.52 18.65
C LEU A 186 -6.55 -3.73 18.62
N GLU A 187 -6.54 -4.52 19.70
CA GLU A 187 -7.38 -5.70 19.80
C GLU A 187 -8.88 -5.37 19.68
N ASN A 188 -9.29 -4.28 20.32
CA ASN A 188 -10.68 -3.85 20.30
C ASN A 188 -11.15 -3.53 18.88
N GLY A 189 -10.28 -2.90 18.09
CA GLY A 189 -10.62 -2.54 16.73
C GLY A 189 -10.55 -3.65 15.69
N ILE A 190 -10.02 -4.80 16.08
CA ILE A 190 -9.89 -5.95 15.19
C ILE A 190 -11.04 -6.94 15.28
N TYR A 191 -11.49 -7.20 16.50
CA TYR A 191 -12.54 -8.19 16.74
C TYR A 191 -13.95 -7.67 17.00
N LYS A 192 -14.12 -6.35 16.88
CA LYS A 192 -15.42 -5.73 17.07
C LYS A 192 -15.79 -5.01 15.77
N ASN A 193 -17.06 -4.68 15.61
CA ASN A 193 -17.53 -4.00 14.41
C ASN A 193 -17.00 -2.59 14.21
N LEU A 194 -16.70 -2.29 12.96
CA LEU A 194 -16.24 -0.97 12.56
C LEU A 194 -17.56 -0.24 12.30
N TYR A 195 -18.05 0.46 13.32
CA TYR A 195 -19.33 1.17 13.27
C TYR A 195 -20.44 0.13 13.25
N ASP A 196 -21.25 0.10 12.19
CA ASP A 196 -22.31 -0.90 12.10
C ASP A 196 -22.05 -1.93 11.00
N LEU A 197 -20.86 -1.86 10.44
CA LEU A 197 -20.42 -2.79 9.39
C LEU A 197 -20.18 -4.18 9.99
N ALA A 198 -20.86 -5.18 9.44
CA ALA A 198 -20.74 -6.57 9.89
C ALA A 198 -19.32 -7.10 9.71
N ASP A 199 -18.65 -7.33 10.83
CA ASP A 199 -17.26 -7.80 10.86
C ASP A 199 -17.10 -9.29 10.61
N PHE A 200 -16.28 -9.64 9.62
CA PHE A 200 -16.02 -11.03 9.28
C PHE A 200 -15.17 -11.73 10.33
N ASN A 201 -15.43 -13.01 10.51
CA ASN A 201 -14.67 -13.85 11.43
C ASN A 201 -13.82 -14.71 10.50
N HIS A 202 -12.61 -14.25 10.23
CA HIS A 202 -11.70 -14.97 9.33
C HIS A 202 -11.15 -16.27 9.91
N ASN A 203 -11.46 -16.54 11.17
CA ASN A 203 -11.03 -17.79 11.79
C ASN A 203 -11.94 -18.90 11.27
N ASN A 204 -13.09 -18.52 10.73
CA ASN A 204 -14.04 -19.48 10.17
C ASN A 204 -13.43 -19.99 8.87
N ALA A 205 -13.31 -21.31 8.74
CA ALA A 205 -12.71 -21.93 7.57
C ALA A 205 -13.38 -21.56 6.24
N THR A 206 -14.69 -21.38 6.27
CA THR A 206 -15.47 -21.02 5.07
C THR A 206 -15.10 -19.61 4.58
N ILE A 207 -14.99 -18.67 5.52
CA ILE A 207 -14.66 -17.28 5.21
C ILE A 207 -13.21 -17.16 4.71
N ASP A 208 -12.33 -17.96 5.30
CA ASP A 208 -10.91 -17.97 4.90
C ASP A 208 -10.83 -18.42 3.45
N LYS A 209 -11.47 -19.54 3.14
CA LYS A 209 -11.49 -20.11 1.79
C LYS A 209 -12.09 -19.10 0.80
N TYR A 210 -13.23 -18.53 1.20
CA TYR A 210 -13.94 -17.57 0.38
C TYR A 210 -13.07 -16.43 -0.15
N PHE A 211 -12.29 -15.82 0.74
CA PHE A 211 -11.44 -14.72 0.34
C PHE A 211 -10.22 -15.10 -0.49
N LYS A 212 -9.72 -16.31 -0.28
CA LYS A 212 -8.59 -16.77 -1.08
C LYS A 212 -9.12 -17.04 -2.48
N ASP A 213 -10.30 -17.66 -2.54
CA ASP A 213 -10.92 -17.97 -3.83
C ASP A 213 -11.36 -16.70 -4.54
N ALA A 214 -11.93 -15.76 -3.79
CA ALA A 214 -12.42 -14.50 -4.35
C ALA A 214 -11.33 -13.61 -4.92
N ILE A 215 -10.18 -13.54 -4.26
CA ILE A 215 -9.10 -12.70 -4.78
C ILE A 215 -8.45 -13.31 -6.03
N LYS A 216 -8.39 -14.65 -6.09
CA LYS A 216 -7.81 -15.34 -7.25
C LYS A 216 -8.60 -14.99 -8.52
N LEU A 217 -9.90 -14.82 -8.36
CA LEU A 217 -10.79 -14.48 -9.47
C LEU A 217 -10.34 -13.20 -10.15
N TRP A 218 -10.15 -12.14 -9.36
CA TRP A 218 -9.74 -10.85 -9.87
C TRP A 218 -8.31 -10.84 -10.39
N LEU A 219 -7.44 -11.61 -9.75
CA LEU A 219 -6.06 -11.71 -10.18
C LEU A 219 -6.02 -12.35 -11.57
N ASP A 220 -6.85 -13.38 -11.75
CA ASP A 220 -6.96 -14.10 -13.01
C ASP A 220 -7.47 -13.22 -14.14
N MET A 221 -8.14 -12.13 -13.79
CA MET A 221 -8.67 -11.21 -14.80
C MET A 221 -7.63 -10.19 -15.25
N GLY A 222 -6.46 -10.21 -14.63
CA GLY A 222 -5.39 -9.31 -15.00
C GLY A 222 -5.10 -8.08 -14.15
N VAL A 223 -5.67 -7.97 -12.95
CA VAL A 223 -5.39 -6.80 -12.11
C VAL A 223 -3.90 -6.77 -11.77
N ASP A 224 -3.33 -5.57 -11.69
CA ASP A 224 -1.90 -5.41 -11.42
C ASP A 224 -1.52 -5.06 -9.98
N GLY A 225 -2.51 -4.69 -9.17
CA GLY A 225 -2.23 -4.34 -7.80
C GLY A 225 -3.47 -4.38 -6.94
N ILE A 226 -3.28 -4.41 -5.62
CA ILE A 226 -4.39 -4.46 -4.68
C ILE A 226 -4.19 -3.49 -3.52
N ARG A 227 -5.22 -2.70 -3.22
CA ARG A 227 -5.18 -1.78 -2.09
C ARG A 227 -6.16 -2.39 -1.10
N VAL A 228 -5.63 -2.93 0.00
CA VAL A 228 -6.47 -3.56 1.01
C VAL A 228 -7.01 -2.53 2.00
N ASP A 229 -8.32 -2.53 2.16
CA ASP A 229 -8.99 -1.60 3.06
C ASP A 229 -8.93 -2.06 4.53
N ALA A 230 -8.80 -1.09 5.43
CA ALA A 230 -8.80 -1.31 6.88
C ALA A 230 -7.92 -2.45 7.42
N VAL A 231 -6.67 -2.52 6.98
CA VAL A 231 -5.76 -3.56 7.43
C VAL A 231 -5.52 -3.55 8.94
N LYS A 232 -5.73 -2.39 9.55
CA LYS A 232 -5.56 -2.22 10.99
C LYS A 232 -6.70 -2.89 11.76
N HIS A 233 -7.73 -3.33 11.04
CA HIS A 233 -8.89 -3.94 11.67
C HIS A 233 -9.07 -5.43 11.43
N MET A 234 -8.02 -6.08 10.95
CA MET A 234 -8.02 -7.52 10.72
C MET A 234 -6.73 -8.04 11.31
N PRO A 235 -6.71 -9.31 11.75
CA PRO A 235 -5.48 -9.88 12.33
C PRO A 235 -4.33 -9.90 11.33
N LEU A 236 -3.14 -9.51 11.77
CA LEU A 236 -1.96 -9.52 10.90
C LEU A 236 -1.71 -10.95 10.40
N GLY A 237 -1.90 -11.91 11.31
CA GLY A 237 -1.69 -13.31 11.00
C GLY A 237 -2.52 -13.79 9.83
N TRP A 238 -3.82 -13.56 9.86
CA TRP A 238 -4.68 -13.98 8.75
C TRP A 238 -4.29 -13.29 7.47
N GLN A 239 -4.01 -11.99 7.55
CA GLN A 239 -3.61 -11.22 6.38
C GLN A 239 -2.33 -11.72 5.75
N LYS A 240 -1.37 -12.13 6.59
CA LYS A 240 -0.10 -12.66 6.12
C LYS A 240 -0.33 -13.97 5.38
N SER A 241 -1.20 -14.80 5.96
CA SER A 241 -1.56 -16.10 5.39
C SER A 241 -2.24 -15.87 4.04
N TRP A 242 -3.16 -14.92 4.00
CA TRP A 242 -3.89 -14.56 2.78
C TRP A 242 -2.89 -14.05 1.75
N MET A 243 -1.98 -13.19 2.18
CA MET A 243 -0.95 -12.63 1.31
C MET A 243 -0.07 -13.68 0.66
N SER A 244 0.31 -14.71 1.42
CA SER A 244 1.16 -15.75 0.87
C SER A 244 0.45 -16.57 -0.18
N SER A 245 -0.87 -16.73 -0.05
CA SER A 245 -1.63 -17.50 -1.03
C SER A 245 -1.71 -16.73 -2.35
N ILE A 246 -1.68 -15.40 -2.24
CA ILE A 246 -1.72 -14.54 -3.42
C ILE A 246 -0.39 -14.61 -4.14
N TYR A 247 0.69 -14.51 -3.39
CA TYR A 247 2.04 -14.53 -3.94
C TYR A 247 2.41 -15.89 -4.54
N ALA A 248 1.77 -16.95 -4.06
CA ALA A 248 2.03 -18.29 -4.57
C ALA A 248 1.25 -18.53 -5.85
N HIS A 249 0.23 -17.70 -6.08
CA HIS A 249 -0.61 -17.83 -7.26
C HIS A 249 -0.24 -16.85 -8.37
N LYS A 250 -0.41 -15.57 -8.10
CA LYS A 250 -0.09 -14.53 -9.09
C LYS A 250 0.30 -13.28 -8.30
N PRO A 251 1.61 -13.12 -8.02
CA PRO A 251 2.11 -11.97 -7.27
C PRO A 251 1.86 -10.60 -7.89
N VAL A 252 1.25 -9.72 -7.10
CA VAL A 252 0.97 -8.36 -7.53
C VAL A 252 1.29 -7.42 -6.36
N PHE A 253 1.59 -6.17 -6.68
CA PHE A 253 1.90 -5.17 -5.67
C PHE A 253 0.69 -4.97 -4.75
N THR A 254 0.89 -5.17 -3.45
CA THR A 254 -0.18 -5.03 -2.48
C THR A 254 0.19 -4.08 -1.35
N PHE A 255 -0.68 -3.11 -1.09
CA PHE A 255 -0.47 -2.16 -0.01
C PHE A 255 -1.78 -1.96 0.73
N GLY A 256 -1.70 -1.59 2.00
CA GLY A 256 -2.90 -1.42 2.79
C GLY A 256 -3.08 -0.07 3.43
N ALA A 257 -4.26 0.15 4.00
CA ALA A 257 -4.57 1.42 4.66
C ALA A 257 -4.62 1.30 6.17
N TRP A 258 -3.58 1.82 6.81
CA TRP A 258 -3.45 1.83 8.26
C TRP A 258 -3.40 3.32 8.61
N PHE A 259 -4.53 3.87 9.03
CA PHE A 259 -4.60 5.29 9.33
C PHE A 259 -3.71 5.79 10.47
N LEU A 260 -3.08 6.93 10.25
CA LEU A 260 -2.22 7.60 11.23
C LEU A 260 -2.51 9.08 11.22
N GLY A 261 -2.62 9.67 12.41
CA GLY A 261 -2.92 11.09 12.53
C GLY A 261 -1.77 12.06 12.41
N SER A 262 -0.55 11.62 12.66
CA SER A 262 0.62 12.48 12.57
C SER A 262 1.78 11.82 11.83
N ALA A 263 2.90 12.55 11.75
CA ALA A 263 4.10 12.06 11.09
C ALA A 263 4.94 11.23 12.04
N ALA A 264 4.50 11.14 13.29
CA ALA A 264 5.22 10.39 14.30
C ALA A 264 5.23 8.89 14.07
N SER A 265 6.32 8.27 14.48
CA SER A 265 6.54 6.83 14.36
C SER A 265 5.52 6.07 15.20
N ASP A 266 4.97 5.00 14.64
CA ASP A 266 3.99 4.18 15.35
C ASP A 266 4.48 2.73 15.28
N ALA A 267 4.69 2.13 16.45
CA ALA A 267 5.18 0.76 16.56
C ALA A 267 4.38 -0.29 15.80
N ASP A 268 3.07 -0.32 16.01
CA ASP A 268 2.22 -1.31 15.34
C ASP A 268 2.17 -1.16 13.84
N ASN A 269 2.23 0.09 13.39
CA ASN A 269 2.20 0.43 11.97
C ASN A 269 3.47 -0.08 11.30
N THR A 270 4.61 0.15 11.97
CA THR A 270 5.92 -0.29 11.47
C THR A 270 5.99 -1.82 11.41
N ASP A 271 5.52 -2.50 12.45
CA ASP A 271 5.52 -3.96 12.47
C ASP A 271 4.72 -4.49 11.30
N PHE A 272 3.53 -3.94 11.10
CA PHE A 272 2.67 -4.38 10.02
C PHE A 272 3.34 -4.24 8.65
N ALA A 273 3.91 -3.08 8.37
CA ALA A 273 4.59 -2.86 7.10
C ALA A 273 5.78 -3.80 6.92
N ASN A 274 6.42 -4.16 8.03
CA ASN A 274 7.59 -5.04 8.01
C ASN A 274 7.29 -6.54 8.12
N LYS A 275 6.15 -6.91 8.70
CA LYS A 275 5.82 -8.32 8.90
C LYS A 275 4.63 -8.92 8.15
N SER A 276 3.69 -8.07 7.71
CA SER A 276 2.49 -8.56 7.03
C SER A 276 2.68 -9.19 5.66
N GLY A 277 3.63 -8.65 4.89
CA GLY A 277 3.86 -9.14 3.54
C GLY A 277 3.39 -8.11 2.52
N MET A 278 2.83 -7.01 3.00
CA MET A 278 2.35 -5.93 2.14
C MET A 278 2.86 -4.60 2.69
N SER A 279 2.89 -3.57 1.85
CA SER A 279 3.32 -2.25 2.29
C SER A 279 2.10 -1.44 2.72
N LEU A 280 2.30 -0.15 2.98
CA LEU A 280 1.22 0.70 3.47
C LEU A 280 1.14 2.06 2.79
N LEU A 281 -0.01 2.72 2.98
CA LEU A 281 -0.21 4.08 2.49
C LEU A 281 0.59 4.91 3.49
N ASP A 282 1.50 5.73 2.98
CA ASP A 282 2.36 6.52 3.83
C ASP A 282 1.69 7.75 4.47
N PHE A 283 0.95 7.53 5.55
CA PHE A 283 0.27 8.63 6.26
C PHE A 283 1.23 9.56 6.97
N ARG A 284 2.41 9.04 7.34
CA ARG A 284 3.42 9.86 8.01
C ARG A 284 3.97 10.88 7.02
N PHE A 285 4.22 10.42 5.79
CA PHE A 285 4.70 11.28 4.73
C PHE A 285 3.64 12.34 4.46
N ASN A 286 2.39 11.89 4.38
CA ASN A 286 1.25 12.77 4.14
C ASN A 286 1.16 13.91 5.16
N SER A 287 1.23 13.57 6.44
CA SER A 287 1.16 14.57 7.51
C SER A 287 2.22 15.63 7.39
N ALA A 288 3.47 15.22 7.21
CA ALA A 288 4.59 16.16 7.07
C ALA A 288 4.38 17.09 5.89
N VAL A 289 4.01 16.52 4.75
CA VAL A 289 3.78 17.29 3.53
C VAL A 289 2.68 18.33 3.72
N ARG A 290 1.60 17.95 4.40
CA ARG A 290 0.49 18.88 4.64
C ARG A 290 0.84 19.96 5.67
N ASN A 291 1.53 19.57 6.74
CA ASN A 291 1.94 20.50 7.79
C ASN A 291 2.83 21.60 7.24
N VAL A 292 3.72 21.21 6.33
CA VAL A 292 4.67 22.13 5.73
C VAL A 292 4.18 22.98 4.56
N PHE A 293 3.51 22.34 3.60
CA PHE A 293 3.03 23.05 2.41
C PHE A 293 1.62 23.62 2.49
N ARG A 294 0.73 22.92 3.20
CA ARG A 294 -0.65 23.34 3.29
C ARG A 294 -0.98 24.22 4.50
N ASP A 295 -0.89 23.62 5.68
CA ASP A 295 -1.24 24.29 6.93
C ASP A 295 -0.22 25.21 7.59
N ASN A 296 1.03 25.17 7.14
CA ASN A 296 2.09 26.02 7.71
C ASN A 296 2.31 25.82 9.21
N THR A 297 2.16 24.59 9.70
CA THR A 297 2.34 24.31 11.12
C THR A 297 3.69 23.69 11.45
N SER A 298 4.50 23.46 10.40
CA SER A 298 5.84 22.90 10.53
C SER A 298 6.72 23.51 9.47
N ASN A 299 8.04 23.47 9.66
CA ASN A 299 8.95 24.01 8.65
C ASN A 299 9.68 22.88 7.92
N MET A 300 10.58 23.24 7.00
CA MET A 300 11.31 22.27 6.21
C MET A 300 12.05 21.20 7.00
N TYR A 301 12.39 21.49 8.25
CA TYR A 301 13.10 20.51 9.09
C TYR A 301 12.24 19.30 9.43
N ALA A 302 10.93 19.52 9.58
CA ALA A 302 9.99 18.44 9.91
C ALA A 302 9.86 17.51 8.72
N LEU A 303 10.13 18.06 7.54
CA LEU A 303 10.06 17.31 6.29
C LEU A 303 11.28 16.39 6.17
N ASP A 304 12.47 16.95 6.44
CA ASP A 304 13.71 16.18 6.38
C ASP A 304 13.77 15.12 7.47
N SER A 305 13.25 15.45 8.65
CA SER A 305 13.21 14.55 9.78
C SER A 305 12.35 13.32 9.48
N MET A 306 11.25 13.55 8.78
CA MET A 306 10.31 12.48 8.38
C MET A 306 10.95 11.56 7.36
N ILE A 307 11.69 12.15 6.41
CA ILE A 307 12.38 11.37 5.38
C ILE A 307 13.36 10.41 6.05
N ASN A 308 14.19 10.92 6.95
CA ASN A 308 15.18 10.11 7.65
C ASN A 308 14.54 9.07 8.56
N SER A 309 13.51 9.49 9.28
CA SER A 309 12.84 8.57 10.21
C SER A 309 12.13 7.40 9.54
N THR A 310 11.38 7.67 8.47
CA THR A 310 10.66 6.61 7.77
C THR A 310 11.62 5.65 7.07
N ALA A 311 12.73 6.16 6.56
CA ALA A 311 13.74 5.34 5.88
C ALA A 311 14.36 4.35 6.87
N THR A 312 14.34 4.74 8.14
CA THR A 312 14.89 3.95 9.23
C THR A 312 13.90 2.93 9.76
N ASP A 313 12.64 3.33 9.89
CA ASP A 313 11.60 2.45 10.42
C ASP A 313 11.11 1.33 9.50
N TYR A 314 10.88 1.66 8.23
CA TYR A 314 10.40 0.69 7.27
C TYR A 314 11.54 -0.05 6.57
N ASN A 315 11.43 -1.37 6.49
CA ASN A 315 12.45 -2.18 5.84
C ASN A 315 12.52 -1.77 4.37
N GLN A 316 11.36 -1.59 3.74
CA GLN A 316 11.30 -1.18 2.35
C GLN A 316 10.50 0.12 2.19
N VAL A 317 11.18 1.24 2.37
CA VAL A 317 10.55 2.54 2.27
C VAL A 317 10.06 2.87 0.85
N ASN A 318 10.66 2.24 -0.16
CA ASN A 318 10.27 2.48 -1.56
C ASN A 318 8.93 1.86 -1.92
N ASP A 319 8.41 1.01 -1.04
CA ASP A 319 7.13 0.36 -1.27
C ASP A 319 5.96 1.10 -0.63
N GLN A 320 6.26 2.14 0.13
CA GLN A 320 5.22 2.92 0.78
C GLN A 320 4.57 3.88 -0.21
N VAL A 321 3.24 3.89 -0.22
CA VAL A 321 2.47 4.72 -1.14
C VAL A 321 2.22 6.13 -0.60
N THR A 322 2.81 7.12 -1.27
CA THR A 322 2.70 8.52 -0.88
C THR A 322 1.55 9.27 -1.57
N PHE A 323 1.12 10.37 -0.95
CA PHE A 323 0.02 11.16 -1.46
C PHE A 323 -0.14 12.45 -0.65
N ILE A 324 -0.75 13.47 -1.25
CA ILE A 324 -0.97 14.74 -0.55
C ILE A 324 -2.38 14.81 0.07
N ASP A 325 -3.29 13.98 -0.44
CA ASP A 325 -4.65 13.87 0.08
C ASP A 325 -5.37 12.64 -0.48
N ASN A 326 -6.54 12.35 0.09
CA ASN A 326 -7.36 11.23 -0.36
C ASN A 326 -8.77 11.33 0.23
N HIS A 327 -9.58 10.31 -0.01
CA HIS A 327 -10.97 10.30 0.47
C HIS A 327 -11.18 10.32 1.99
N ASP A 328 -10.10 10.13 2.75
CA ASP A 328 -10.18 10.13 4.21
C ASP A 328 -9.89 11.47 4.88
N MET A 329 -9.61 12.50 4.09
CA MET A 329 -9.29 13.80 4.66
C MET A 329 -9.73 14.94 3.76
N ASP A 330 -9.56 16.17 4.25
CA ASP A 330 -9.93 17.36 3.49
C ASP A 330 -9.03 17.49 2.27
N ARG A 331 -9.60 17.99 1.17
CA ARG A 331 -8.84 18.20 -0.05
C ARG A 331 -7.68 19.14 0.28
N PHE A 332 -6.55 18.94 -0.37
CA PHE A 332 -5.37 19.77 -0.13
C PHE A 332 -5.71 21.23 -0.40
N LYS A 333 -6.37 21.48 -1.52
CA LYS A 333 -6.76 22.82 -1.90
C LYS A 333 -7.93 23.36 -1.08
N THR A 334 -7.74 24.57 -0.57
CA THR A 334 -8.70 25.31 0.22
C THR A 334 -8.49 26.76 -0.23
N SER A 335 -9.45 27.63 0.05
CA SER A 335 -9.36 29.04 -0.32
C SER A 335 -8.11 29.72 0.26
N ALA A 336 -7.70 29.29 1.45
CA ALA A 336 -6.52 29.84 2.13
C ALA A 336 -5.19 29.25 1.63
N VAL A 337 -5.28 28.19 0.83
CA VAL A 337 -4.10 27.52 0.29
C VAL A 337 -3.85 27.96 -1.15
N ASN A 338 -2.64 28.40 -1.42
CA ASN A 338 -2.25 28.88 -2.75
C ASN A 338 -2.06 27.74 -3.73
N ASN A 339 -2.24 28.03 -5.01
CA ASN A 339 -2.07 27.04 -6.07
C ASN A 339 -0.64 26.57 -6.08
N ARG A 340 0.30 27.49 -5.85
CA ARG A 340 1.71 27.16 -5.85
C ARG A 340 2.07 26.14 -4.78
N ARG A 341 1.43 26.24 -3.61
CA ARG A 341 1.69 25.30 -2.52
C ARG A 341 1.26 23.87 -2.88
N LEU A 342 0.13 23.75 -3.57
CA LEU A 342 -0.37 22.45 -4.01
C LEU A 342 0.58 21.91 -5.07
N GLU A 343 1.03 22.80 -5.96
CA GLU A 343 1.94 22.45 -7.04
C GLU A 343 3.30 21.99 -6.49
N GLN A 344 3.77 22.66 -5.44
CA GLN A 344 5.04 22.27 -4.82
C GLN A 344 4.90 20.93 -4.13
N ALA A 345 3.78 20.72 -3.46
CA ALA A 345 3.53 19.46 -2.77
C ALA A 345 3.54 18.30 -3.77
N LEU A 346 3.01 18.56 -4.96
CA LEU A 346 2.99 17.53 -6.01
C LEU A 346 4.41 17.25 -6.46
N ALA A 347 5.13 18.30 -6.83
CA ALA A 347 6.52 18.17 -7.28
C ALA A 347 7.34 17.40 -6.27
N PHE A 348 7.14 17.73 -4.99
CA PHE A 348 7.85 17.06 -3.91
C PHE A 348 7.52 15.56 -3.90
N THR A 349 6.23 15.24 -3.89
CA THR A 349 5.78 13.85 -3.85
C THR A 349 6.27 13.04 -5.04
N LEU A 350 6.16 13.61 -6.24
CA LEU A 350 6.56 12.96 -7.48
C LEU A 350 8.04 12.66 -7.59
N THR A 351 8.87 13.45 -6.91
CA THR A 351 10.31 13.26 -6.97
C THR A 351 10.86 12.58 -5.72
N SER A 352 10.00 12.29 -4.76
CA SER A 352 10.41 11.65 -3.51
C SER A 352 10.26 10.14 -3.57
N ARG A 353 10.80 9.46 -2.55
CA ARG A 353 10.76 8.00 -2.47
C ARG A 353 9.35 7.42 -2.27
N GLY A 354 9.20 6.14 -2.60
CA GLY A 354 7.93 5.47 -2.46
C GLY A 354 7.16 5.42 -3.77
N VAL A 355 5.87 5.11 -3.68
CA VAL A 355 5.00 5.04 -4.84
C VAL A 355 3.97 6.16 -4.73
N PRO A 356 4.11 7.21 -5.55
CA PRO A 356 3.17 8.35 -5.50
C PRO A 356 1.79 8.08 -6.09
N ALA A 357 0.77 8.53 -5.36
CA ALA A 357 -0.62 8.39 -5.77
C ALA A 357 -1.25 9.78 -5.80
N ILE A 358 -2.06 10.04 -6.81
CA ILE A 358 -2.71 11.34 -6.94
C ILE A 358 -4.22 11.14 -6.89
N TYR A 359 -4.88 11.85 -5.99
CA TYR A 359 -6.33 11.75 -5.85
C TYR A 359 -6.95 12.48 -7.04
N TYR A 360 -7.86 11.83 -7.74
CA TYR A 360 -8.51 12.42 -8.91
C TYR A 360 -8.99 13.86 -8.71
N GLY A 361 -8.71 14.70 -9.69
CA GLY A 361 -9.14 16.08 -9.62
C GLY A 361 -8.11 17.02 -9.03
N THR A 362 -7.02 16.48 -8.51
CA THR A 362 -5.97 17.31 -7.92
C THR A 362 -5.41 18.24 -9.00
N GLU A 363 -5.39 17.74 -10.24
CA GLU A 363 -4.89 18.51 -11.37
C GLU A 363 -5.85 19.63 -11.78
N GLN A 364 -7.06 19.61 -11.19
CA GLN A 364 -8.07 20.62 -11.48
C GLN A 364 -8.33 21.46 -10.22
N TYR A 365 -7.47 21.30 -9.22
CA TYR A 365 -7.57 22.03 -7.94
C TYR A 365 -8.93 21.87 -7.25
N LEU A 366 -9.45 20.65 -7.26
CA LEU A 366 -10.74 20.35 -6.64
C LEU A 366 -10.71 20.59 -5.14
N THR A 367 -11.76 21.24 -4.63
CA THR A 367 -11.88 21.54 -3.20
C THR A 367 -12.93 20.60 -2.59
N GLY A 368 -13.02 20.59 -1.26
CA GLY A 368 -13.98 19.74 -0.59
C GLY A 368 -13.50 19.25 0.76
N ASN A 369 -14.17 19.68 1.82
CA ASN A 369 -13.79 19.26 3.17
C ASN A 369 -14.68 18.16 3.72
N GLY A 370 -14.03 17.12 4.25
CA GLY A 370 -14.74 16.00 4.83
C GLY A 370 -15.52 15.11 3.87
N ASP A 371 -16.05 14.03 4.43
CA ASP A 371 -16.86 13.06 3.70
C ASP A 371 -18.28 13.65 3.75
N PRO A 372 -18.98 13.74 2.61
CA PRO A 372 -18.63 13.36 1.24
C PRO A 372 -18.10 14.46 0.32
N ASP A 373 -18.02 15.70 0.81
CA ASP A 373 -17.56 16.80 -0.02
C ASP A 373 -16.23 16.61 -0.75
N ASN A 374 -15.36 15.77 -0.22
CA ASN A 374 -14.06 15.51 -0.84
C ASN A 374 -14.14 14.50 -1.98
N ARG A 375 -15.34 14.03 -2.28
CA ARG A 375 -15.58 13.06 -3.35
C ARG A 375 -16.51 13.64 -4.42
N ALA A 376 -16.31 14.90 -4.76
CA ALA A 376 -17.12 15.59 -5.76
C ALA A 376 -16.83 15.06 -7.15
N LYS A 377 -17.73 15.34 -8.09
CA LYS A 377 -17.57 14.90 -9.48
C LYS A 377 -16.42 15.65 -10.15
N MET A 378 -15.75 15.00 -11.10
CA MET A 378 -14.67 15.63 -11.86
C MET A 378 -15.26 16.84 -12.57
N PRO A 379 -14.85 18.06 -12.19
CA PRO A 379 -15.33 19.32 -12.77
C PRO A 379 -15.04 19.52 -14.26
N SER A 380 -13.85 19.11 -14.70
CA SER A 380 -13.46 19.25 -16.11
C SER A 380 -12.27 18.37 -16.45
N PHE A 381 -11.96 18.30 -17.75
CA PHE A 381 -10.84 17.50 -18.23
C PHE A 381 -9.84 18.39 -18.95
N SER A 382 -9.67 19.60 -18.43
CA SER A 382 -8.74 20.58 -18.97
C SER A 382 -7.30 20.11 -18.80
N LYS A 383 -6.50 20.30 -19.84
CA LYS A 383 -5.09 19.90 -19.81
C LYS A 383 -4.18 21.12 -19.76
N SER A 384 -4.75 22.28 -19.45
CA SER A 384 -3.97 23.51 -19.43
C SER A 384 -3.54 24.09 -18.07
N THR A 385 -3.97 23.46 -16.97
CA THR A 385 -3.60 23.95 -15.64
C THR A 385 -2.12 23.71 -15.34
N THR A 386 -1.55 24.51 -14.43
CA THR A 386 -0.15 24.37 -14.06
C THR A 386 0.10 23.05 -13.34
N ALA A 387 -0.87 22.61 -12.54
CA ALA A 387 -0.77 21.35 -11.81
C ALA A 387 -0.67 20.18 -12.80
N PHE A 388 -1.44 20.27 -13.89
CA PHE A 388 -1.44 19.23 -14.93
C PHE A 388 -0.06 19.16 -15.58
N ASN A 389 0.53 20.33 -15.82
CA ASN A 389 1.85 20.47 -16.42
C ASN A 389 2.95 19.83 -15.58
N VAL A 390 2.93 20.13 -14.29
CA VAL A 390 3.91 19.61 -13.35
C VAL A 390 3.91 18.08 -13.35
N ILE A 391 2.71 17.50 -13.31
CA ILE A 391 2.57 16.06 -13.30
C ILE A 391 3.08 15.43 -14.59
N SER A 392 2.71 16.02 -15.73
CA SER A 392 3.14 15.48 -17.02
C SER A 392 4.64 15.60 -17.26
N LYS A 393 5.30 16.53 -16.58
CA LYS A 393 6.74 16.69 -16.73
C LYS A 393 7.55 15.90 -15.72
N LEU A 394 7.00 15.70 -14.53
CA LEU A 394 7.71 14.96 -13.49
C LEU A 394 7.43 13.47 -13.43
N ALA A 395 6.19 13.08 -13.74
CA ALA A 395 5.81 11.66 -13.71
C ALA A 395 6.70 10.74 -14.56
N PRO A 396 7.01 11.14 -15.82
CA PRO A 396 7.87 10.33 -16.71
C PRO A 396 9.27 10.10 -16.16
N LEU A 397 9.72 11.01 -15.29
CA LEU A 397 11.04 10.90 -14.68
C LEU A 397 11.18 9.63 -13.84
N ARG A 398 10.07 9.13 -13.32
CA ARG A 398 10.10 7.91 -12.53
C ARG A 398 10.43 6.70 -13.40
N LYS A 399 10.18 6.84 -14.71
CA LYS A 399 10.47 5.79 -15.67
C LYS A 399 11.88 5.92 -16.23
N SER A 400 12.23 7.14 -16.66
CA SER A 400 13.54 7.43 -17.25
C SER A 400 14.74 7.60 -16.34
N ASN A 401 14.52 7.96 -15.08
CA ASN A 401 15.62 8.17 -14.13
C ASN A 401 15.46 7.24 -12.92
N PRO A 402 16.35 6.24 -12.81
CA PRO A 402 16.31 5.28 -11.70
C PRO A 402 16.59 5.90 -10.32
N ALA A 403 17.20 7.09 -10.32
CA ALA A 403 17.50 7.79 -9.08
C ALA A 403 16.22 8.14 -8.36
N ILE A 404 15.21 8.55 -9.13
CA ILE A 404 13.92 8.92 -8.58
C ILE A 404 13.06 7.73 -8.17
N ALA A 405 13.17 6.63 -8.92
CA ALA A 405 12.39 5.43 -8.65
C ALA A 405 12.95 4.51 -7.56
N TYR A 406 14.28 4.39 -7.52
CA TYR A 406 14.94 3.48 -6.57
C TYR A 406 15.96 4.14 -5.63
N GLY A 407 16.30 5.39 -5.90
CA GLY A 407 17.31 6.08 -5.12
C GLY A 407 17.12 6.39 -3.66
N SER A 408 18.24 6.69 -3.01
CA SER A 408 18.28 7.06 -1.60
C SER A 408 17.99 8.55 -1.56
N THR A 409 17.85 9.11 -0.37
CA THR A 409 17.57 10.53 -0.25
C THR A 409 18.56 11.18 0.71
N GLN A 410 19.13 12.32 0.30
CA GLN A 410 20.07 13.04 1.14
C GLN A 410 19.86 14.54 1.09
N GLN A 411 19.82 15.15 2.28
CA GLN A 411 19.65 16.59 2.39
C GLN A 411 20.93 17.29 1.97
N ARG A 412 20.80 18.29 1.10
CA ARG A 412 21.95 19.03 0.61
C ARG A 412 22.01 20.47 1.08
N TRP A 413 20.83 21.05 1.33
CA TRP A 413 20.74 22.43 1.78
C TRP A 413 19.37 22.59 2.43
N ILE A 414 19.31 23.31 3.54
CA ILE A 414 18.05 23.48 4.24
C ILE A 414 18.00 24.61 5.26
N ASN A 415 16.78 25.11 5.46
CA ASN A 415 16.47 26.14 6.45
C ASN A 415 14.96 26.10 6.63
N ASN A 416 14.39 27.01 7.41
CA ASN A 416 12.95 27.01 7.66
C ASN A 416 12.02 26.91 6.44
N ASP A 417 12.39 27.57 5.34
CA ASP A 417 11.58 27.58 4.12
C ASP A 417 12.17 26.93 2.86
N VAL A 418 13.48 26.72 2.85
CA VAL A 418 14.12 26.13 1.69
C VAL A 418 14.57 24.69 1.95
N TYR A 419 14.45 23.84 0.93
CA TYR A 419 14.85 22.45 1.04
C TYR A 419 15.43 21.96 -0.29
N VAL A 420 16.67 21.50 -0.24
CA VAL A 420 17.34 20.97 -1.43
C VAL A 420 17.78 19.55 -1.09
N TYR A 421 17.18 18.58 -1.75
CA TYR A 421 17.50 17.18 -1.50
C TYR A 421 18.00 16.47 -2.76
N GLU A 422 18.72 15.38 -2.54
CA GLU A 422 19.30 14.63 -3.63
C GLU A 422 18.91 13.15 -3.65
N ARG A 423 18.49 12.69 -4.82
CA ARG A 423 18.12 11.29 -5.03
C ARG A 423 19.29 10.72 -5.82
N LYS A 424 19.79 9.56 -5.41
CA LYS A 424 20.93 8.96 -6.08
C LYS A 424 20.83 7.45 -6.13
N PHE A 425 21.07 6.90 -7.32
CA PHE A 425 21.05 5.46 -7.54
C PHE A 425 22.15 5.17 -8.57
N GLY A 426 23.27 4.66 -8.08
CA GLY A 426 24.38 4.38 -8.95
C GLY A 426 24.99 5.70 -9.41
N LYS A 427 25.17 5.85 -10.72
CA LYS A 427 25.73 7.07 -11.28
C LYS A 427 24.64 8.09 -11.64
N SER A 428 23.38 7.67 -11.57
CA SER A 428 22.24 8.55 -11.85
C SER A 428 21.88 9.39 -10.63
N VAL A 429 21.66 10.69 -10.87
CA VAL A 429 21.35 11.63 -9.80
C VAL A 429 20.17 12.53 -10.18
N ALA A 430 19.51 13.04 -9.15
CA ALA A 430 18.38 13.96 -9.29
C ALA A 430 18.42 14.91 -8.09
N VAL A 431 18.40 16.20 -8.37
CA VAL A 431 18.44 17.21 -7.32
C VAL A 431 17.21 18.11 -7.42
N VAL A 432 16.48 18.22 -6.32
CA VAL A 432 15.28 19.03 -6.25
C VAL A 432 15.43 20.15 -5.22
N ALA A 433 15.10 21.37 -5.63
CA ALA A 433 15.19 22.54 -4.76
C ALA A 433 13.78 23.14 -4.60
N VAL A 434 13.38 23.37 -3.36
CA VAL A 434 12.06 23.94 -3.06
C VAL A 434 12.13 25.12 -2.11
N ASN A 435 11.43 26.20 -2.47
CA ASN A 435 11.34 27.40 -1.65
C ASN A 435 9.85 27.66 -1.42
N ARG A 436 9.34 27.23 -0.27
CA ARG A 436 7.92 27.40 0.02
C ARG A 436 7.48 28.83 0.31
N ASN A 437 8.45 29.72 0.56
CA ASN A 437 8.15 31.12 0.85
C ASN A 437 7.59 31.79 -0.41
N LEU A 438 6.36 32.27 -0.31
CA LEU A 438 5.67 32.90 -1.43
C LEU A 438 6.04 34.32 -1.78
N SER A 439 6.85 34.98 -0.97
CA SER A 439 7.20 36.37 -1.24
C SER A 439 8.67 36.70 -1.29
N THR A 440 9.49 35.86 -0.66
CA THR A 440 10.92 36.11 -0.62
C THR A 440 11.77 35.06 -1.33
N SER A 441 12.70 35.52 -2.15
CA SER A 441 13.61 34.63 -2.86
C SER A 441 14.74 34.27 -1.88
N ALA A 442 15.47 33.19 -2.18
CA ALA A 442 16.56 32.75 -1.30
C ALA A 442 17.88 32.66 -2.05
N SER A 443 18.89 33.33 -1.50
CA SER A 443 20.22 33.30 -2.09
C SER A 443 20.96 32.05 -1.60
N ILE A 444 21.13 31.07 -2.48
CA ILE A 444 21.80 29.83 -2.15
C ILE A 444 23.30 29.85 -2.45
N THR A 445 24.12 29.57 -1.44
CA THR A 445 25.57 29.55 -1.59
C THR A 445 26.14 28.31 -0.91
N GLY A 446 27.23 27.77 -1.48
CA GLY A 446 27.88 26.60 -0.92
C GLY A 446 27.12 25.29 -1.12
N LEU A 447 26.30 25.23 -2.17
CA LEU A 447 25.52 24.04 -2.48
C LEU A 447 26.42 22.99 -3.13
N SER A 448 26.47 21.82 -2.50
CA SER A 448 27.28 20.72 -3.01
C SER A 448 26.38 19.53 -3.35
N THR A 449 26.57 18.97 -4.54
CA THR A 449 25.77 17.82 -5.00
C THR A 449 26.66 16.77 -5.68
N SER A 450 26.02 15.71 -6.19
CA SER A 450 26.73 14.65 -6.88
C SER A 450 26.60 14.80 -8.40
N LEU A 451 26.17 15.97 -8.84
CA LEU A 451 26.02 16.23 -10.26
C LEU A 451 27.39 16.44 -10.90
N PRO A 452 27.67 15.74 -12.00
CA PRO A 452 28.95 15.85 -12.72
C PRO A 452 29.09 17.25 -13.30
N THR A 453 30.31 17.65 -13.61
CA THR A 453 30.57 18.96 -14.18
C THR A 453 29.73 19.18 -15.44
N GLY A 454 29.02 20.29 -15.49
CA GLY A 454 28.19 20.61 -16.65
C GLY A 454 27.10 21.62 -16.34
N SER A 455 26.32 21.98 -17.35
CA SER A 455 25.23 22.93 -17.20
C SER A 455 23.90 22.17 -17.14
N TYR A 456 23.11 22.44 -16.11
CA TYR A 456 21.83 21.76 -15.95
C TYR A 456 20.61 22.63 -16.11
N THR A 457 19.67 22.14 -16.91
CA THR A 457 18.42 22.82 -17.18
C THR A 457 17.33 22.27 -16.26
N ASP A 458 16.42 23.14 -15.85
CA ASP A 458 15.31 22.76 -15.00
C ASP A 458 14.40 21.81 -15.78
N VAL A 459 14.18 20.61 -15.23
CA VAL A 459 13.34 19.62 -15.87
C VAL A 459 11.91 20.15 -16.04
N LEU A 460 11.51 21.07 -15.17
CA LEU A 460 10.18 21.67 -15.22
C LEU A 460 10.07 22.79 -16.25
N GLY A 461 11.21 23.18 -16.83
CA GLY A 461 11.22 24.22 -17.83
C GLY A 461 10.89 25.60 -17.30
N GLY A 462 10.93 25.77 -15.99
CA GLY A 462 10.65 27.07 -15.40
C GLY A 462 9.18 27.36 -15.09
N VAL A 463 8.30 26.36 -15.25
CA VAL A 463 6.87 26.58 -14.96
C VAL A 463 6.63 26.94 -13.50
N LEU A 464 7.50 26.46 -12.61
CA LEU A 464 7.41 26.75 -11.19
C LEU A 464 8.55 27.66 -10.77
N ASN A 465 8.87 28.58 -11.68
CA ASN A 465 9.94 29.57 -11.49
C ASN A 465 11.31 28.99 -11.20
N GLY A 466 11.57 27.82 -11.79
CA GLY A 466 12.86 27.17 -11.61
C GLY A 466 13.92 27.85 -12.44
N ASN A 467 15.18 27.54 -12.15
CA ASN A 467 16.30 28.14 -12.86
C ASN A 467 17.32 27.08 -13.25
N ASN A 468 18.30 27.49 -14.04
CA ASN A 468 19.36 26.59 -14.48
C ASN A 468 20.58 26.77 -13.59
N ILE A 469 21.36 25.72 -13.46
CA ILE A 469 22.55 25.77 -12.63
C ILE A 469 23.79 25.25 -13.36
N THR A 470 24.94 25.42 -12.73
CA THR A 470 26.21 24.97 -13.28
C THR A 470 26.98 24.20 -12.22
N SER A 471 27.42 23.01 -12.58
CA SER A 471 28.18 22.18 -11.64
C SER A 471 29.64 22.13 -12.03
N THR A 472 30.50 22.05 -11.01
CA THR A 472 31.94 21.94 -11.20
C THR A 472 32.37 20.91 -10.18
N ASN A 473 32.20 19.64 -10.55
CA ASN A 473 32.54 18.49 -9.71
C ASN A 473 31.66 18.46 -8.46
N GLY A 474 30.38 18.74 -8.64
CA GLY A 474 29.45 18.76 -7.53
C GLY A 474 29.12 20.15 -7.02
N SER A 475 30.13 21.00 -6.92
CA SER A 475 29.95 22.37 -6.45
C SER A 475 29.11 23.20 -7.41
N ILE A 476 27.96 23.64 -6.92
CA ILE A 476 27.04 24.44 -7.72
C ILE A 476 27.36 25.92 -7.53
N ASN A 477 27.35 26.67 -8.62
CA ASN A 477 27.62 28.11 -8.55
C ASN A 477 26.47 28.80 -7.82
N ASN A 478 26.78 29.90 -7.15
CA ASN A 478 25.77 30.66 -6.41
C ASN A 478 24.59 31.09 -7.27
N PHE A 479 23.39 30.89 -6.76
CA PHE A 479 22.18 31.26 -7.49
C PHE A 479 21.06 31.69 -6.56
N THR A 480 20.08 32.37 -7.13
CA THR A 480 18.94 32.85 -6.38
C THR A 480 17.74 31.96 -6.69
N LEU A 481 17.18 31.34 -5.65
CA LEU A 481 16.01 30.49 -5.78
C LEU A 481 14.83 31.45 -5.59
N ALA A 482 14.11 31.72 -6.68
CA ALA A 482 12.97 32.65 -6.64
C ALA A 482 11.89 32.30 -5.64
N ALA A 483 11.04 33.27 -5.32
CA ALA A 483 9.94 33.06 -4.37
C ALA A 483 9.02 31.96 -4.91
N GLY A 484 8.63 31.03 -4.04
CA GLY A 484 7.75 29.94 -4.43
C GLY A 484 8.30 29.03 -5.53
N ALA A 485 9.60 29.14 -5.77
CA ALA A 485 10.24 28.34 -6.79
C ALA A 485 10.48 26.89 -6.38
N THR A 486 10.65 26.05 -7.38
CA THR A 486 10.95 24.65 -7.23
C THR A 486 11.48 24.19 -8.58
N ALA A 487 12.71 23.67 -8.56
CA ALA A 487 13.39 23.22 -9.76
C ALA A 487 13.91 21.81 -9.62
N VAL A 488 14.04 21.12 -10.76
CA VAL A 488 14.55 19.75 -10.77
C VAL A 488 15.71 19.64 -11.76
N TRP A 489 16.84 19.16 -11.28
CA TRP A 489 18.03 18.98 -12.11
C TRP A 489 18.43 17.51 -12.01
N GLN A 490 18.69 16.89 -13.16
CA GLN A 490 19.05 15.49 -13.16
C GLN A 490 20.19 15.11 -14.09
N TYR A 491 20.70 13.91 -13.88
CA TYR A 491 21.77 13.33 -14.68
C TYR A 491 21.62 11.82 -14.66
N THR A 492 21.51 11.23 -15.85
CA THR A 492 21.38 9.79 -15.98
C THR A 492 22.38 9.23 -16.97
N THR A 493 22.87 8.03 -16.67
CA THR A 493 23.82 7.34 -17.52
C THR A 493 23.63 5.85 -17.29
N ALA A 494 24.22 5.04 -18.15
CA ALA A 494 24.12 3.60 -18.05
C ALA A 494 25.03 3.03 -16.96
N GLU A 495 24.58 1.94 -16.35
CA GLU A 495 25.35 1.26 -15.30
C GLU A 495 26.11 0.09 -15.92
N THR A 496 27.34 -0.11 -15.47
CA THR A 496 28.17 -1.21 -15.94
C THR A 496 28.17 -2.33 -14.91
N THR A 497 28.08 -1.95 -13.64
CA THR A 497 28.03 -2.88 -12.53
C THR A 497 26.59 -3.10 -12.07
N PRO A 498 26.28 -4.31 -11.57
CA PRO A 498 24.93 -4.68 -11.09
C PRO A 498 24.50 -3.88 -9.87
N THR A 499 23.27 -3.34 -9.93
CA THR A 499 22.71 -2.56 -8.83
C THR A 499 21.23 -2.89 -8.68
N ILE A 500 20.86 -3.46 -7.53
CA ILE A 500 19.47 -3.83 -7.26
C ILE A 500 18.68 -2.63 -6.72
N GLY A 501 17.58 -2.30 -7.39
CA GLY A 501 16.77 -1.19 -6.97
C GLY A 501 15.51 -1.59 -6.25
N HIS A 502 14.99 -2.77 -6.57
CA HIS A 502 13.77 -3.25 -5.95
C HIS A 502 13.58 -4.75 -6.12
N VAL A 503 12.94 -5.37 -5.13
CA VAL A 503 12.65 -6.79 -5.14
C VAL A 503 11.18 -6.95 -4.73
N GLY A 504 10.40 -7.62 -5.56
CA GLY A 504 9.00 -7.80 -5.24
C GLY A 504 8.46 -9.15 -5.67
N PRO A 505 7.74 -9.86 -4.79
CA PRO A 505 7.45 -9.40 -3.43
C PRO A 505 8.64 -9.68 -2.52
N VAL A 506 8.52 -9.37 -1.23
CA VAL A 506 9.62 -9.60 -0.29
C VAL A 506 9.33 -10.73 0.68
N MET A 507 8.38 -11.59 0.32
CA MET A 507 7.98 -12.73 1.14
C MET A 507 7.51 -13.85 0.22
N GLY A 508 7.86 -15.09 0.57
CA GLY A 508 7.44 -16.22 -0.24
C GLY A 508 7.98 -17.57 0.22
N LYS A 509 7.36 -18.63 -0.28
CA LYS A 509 7.78 -19.99 0.03
C LYS A 509 8.63 -20.48 -1.13
N PRO A 510 9.44 -21.53 -0.91
CA PRO A 510 10.27 -22.06 -2.00
C PRO A 510 9.36 -22.44 -3.17
N GLY A 511 9.75 -22.06 -4.38
CA GLY A 511 8.95 -22.37 -5.55
C GLY A 511 8.31 -21.14 -6.16
N ASN A 512 8.14 -20.08 -5.38
CA ASN A 512 7.55 -18.83 -5.87
C ASN A 512 8.55 -18.06 -6.72
N VAL A 513 8.04 -17.25 -7.64
CA VAL A 513 8.90 -16.44 -8.50
C VAL A 513 8.88 -14.99 -8.05
N VAL A 514 10.06 -14.42 -7.83
CA VAL A 514 10.16 -13.02 -7.40
C VAL A 514 10.87 -12.18 -8.47
N THR A 515 10.52 -10.89 -8.51
CA THR A 515 11.07 -9.96 -9.48
C THR A 515 12.12 -9.03 -8.90
N ILE A 516 13.27 -8.95 -9.56
CA ILE A 516 14.38 -8.12 -9.13
C ILE A 516 14.63 -7.05 -10.19
N ASP A 517 14.34 -5.79 -9.84
CA ASP A 517 14.52 -4.67 -10.75
C ASP A 517 15.78 -3.90 -10.40
N GLY A 518 16.43 -3.33 -11.42
CA GLY A 518 17.64 -2.57 -11.18
C GLY A 518 18.31 -2.15 -12.47
N ARG A 519 19.62 -2.01 -12.43
CA ARG A 519 20.41 -1.60 -13.61
C ARG A 519 21.74 -2.36 -13.64
N GLY A 520 22.28 -2.52 -14.84
CA GLY A 520 23.57 -3.18 -15.02
C GLY A 520 23.65 -4.67 -14.75
N PHE A 521 22.64 -5.41 -15.16
CA PHE A 521 22.64 -6.86 -14.96
C PHE A 521 23.27 -7.58 -16.15
N GLY A 522 23.36 -6.87 -17.28
CA GLY A 522 23.93 -7.47 -18.47
C GLY A 522 22.95 -8.39 -19.16
N SER A 523 23.26 -8.83 -20.37
CA SER A 523 22.40 -9.71 -21.14
C SER A 523 22.63 -11.19 -20.82
N THR A 524 23.85 -11.51 -20.42
CA THR A 524 24.24 -12.88 -20.09
C THR A 524 23.84 -13.29 -18.66
N LYS A 525 23.02 -14.34 -18.58
CA LYS A 525 22.52 -14.87 -17.31
C LYS A 525 23.60 -15.24 -16.31
N GLY A 526 23.61 -14.55 -15.18
CA GLY A 526 24.58 -14.80 -14.14
C GLY A 526 24.04 -15.64 -13.01
N THR A 527 24.28 -15.21 -11.77
CA THR A 527 23.83 -15.94 -10.58
C THR A 527 23.15 -15.04 -9.52
N VAL A 528 22.13 -15.58 -8.87
CA VAL A 528 21.38 -14.86 -7.84
C VAL A 528 21.59 -15.51 -6.47
N TYR A 529 21.90 -14.71 -5.46
CA TYR A 529 22.14 -15.22 -4.11
C TYR A 529 21.05 -14.89 -3.09
N PHE A 530 20.64 -15.91 -2.35
CA PHE A 530 19.66 -15.75 -1.27
C PHE A 530 20.50 -16.10 -0.04
N GLY A 531 21.25 -15.11 0.42
CA GLY A 531 22.13 -15.31 1.54
C GLY A 531 23.42 -15.89 0.95
N THR A 532 23.68 -17.16 1.26
CA THR A 532 24.85 -17.87 0.77
C THR A 532 24.49 -18.79 -0.40
N THR A 533 23.25 -19.26 -0.41
CA THR A 533 22.76 -20.14 -1.46
C THR A 533 22.77 -19.45 -2.82
N ALA A 534 23.34 -20.14 -3.82
CA ALA A 534 23.40 -19.61 -5.17
C ALA A 534 22.32 -20.24 -6.02
N VAL A 535 21.65 -19.41 -6.82
CA VAL A 535 20.59 -19.86 -7.70
C VAL A 535 21.02 -19.61 -9.14
N THR A 536 21.11 -20.69 -9.92
CA THR A 536 21.54 -20.60 -11.31
C THR A 536 20.70 -21.46 -12.26
N GLY A 537 20.93 -21.25 -13.56
CA GLY A 537 20.25 -22.02 -14.59
C GLY A 537 18.77 -21.82 -14.82
N ALA A 538 18.05 -22.94 -14.80
CA ALA A 538 16.61 -22.99 -15.01
C ALA A 538 15.80 -22.32 -13.90
N ALA A 539 16.39 -22.26 -12.71
CA ALA A 539 15.76 -21.61 -11.56
C ALA A 539 15.54 -20.13 -11.85
N ILE A 540 16.43 -19.56 -12.67
CA ILE A 540 16.32 -18.17 -13.08
C ILE A 540 15.51 -18.18 -14.38
N THR A 541 14.20 -17.96 -14.24
CA THR A 541 13.27 -17.98 -15.36
C THR A 541 13.46 -16.86 -16.38
N SER A 542 14.14 -15.79 -15.98
CA SER A 542 14.36 -14.67 -16.89
C SER A 542 15.49 -13.75 -16.42
N TRP A 543 16.28 -13.24 -17.37
CA TRP A 543 17.40 -12.36 -17.06
C TRP A 543 17.61 -11.30 -18.14
N GLU A 544 17.58 -10.04 -17.71
CA GLU A 544 17.79 -8.90 -18.59
C GLU A 544 18.60 -7.84 -17.84
N ASP A 545 19.00 -6.81 -18.55
CA ASP A 545 19.80 -5.74 -17.95
C ASP A 545 19.11 -4.98 -16.82
N THR A 546 17.79 -4.90 -16.87
CA THR A 546 17.03 -4.17 -15.84
C THR A 546 16.09 -4.99 -14.97
N GLN A 547 15.92 -6.28 -15.28
CA GLN A 547 15.02 -7.13 -14.51
C GLN A 547 15.38 -8.61 -14.54
N ILE A 548 15.25 -9.26 -13.39
CA ILE A 548 15.54 -10.69 -13.26
C ILE A 548 14.40 -11.38 -12.52
N LYS A 549 13.85 -12.43 -13.10
CA LYS A 549 12.82 -13.20 -12.45
C LYS A 549 13.46 -14.50 -12.00
N VAL A 550 13.37 -14.80 -10.70
CA VAL A 550 14.00 -15.99 -10.15
C VAL A 550 13.09 -16.76 -9.20
N THR A 551 13.30 -18.07 -9.13
CA THR A 551 12.55 -18.96 -8.26
C THR A 551 13.22 -19.02 -6.90
N ILE A 552 12.41 -18.98 -5.84
CA ILE A 552 12.94 -19.05 -4.48
C ILE A 552 13.41 -20.48 -4.20
N PRO A 553 14.69 -20.63 -3.81
CA PRO A 553 15.30 -21.94 -3.50
C PRO A 553 14.72 -22.64 -2.27
N SER A 554 14.94 -23.95 -2.19
CA SER A 554 14.47 -24.73 -1.05
C SER A 554 15.50 -24.68 0.07
N VAL A 555 15.49 -23.56 0.80
CA VAL A 555 16.42 -23.38 1.92
C VAL A 555 15.62 -23.21 3.20
N ALA A 556 16.32 -23.17 4.34
CA ALA A 556 15.67 -23.00 5.62
C ALA A 556 14.87 -21.70 5.64
N ALA A 557 13.68 -21.73 6.23
CA ALA A 557 12.86 -20.53 6.33
C ALA A 557 13.61 -19.51 7.19
N GLY A 558 13.48 -18.24 6.86
CA GLY A 558 14.16 -17.21 7.62
C GLY A 558 14.33 -15.90 6.87
N ASN A 559 15.09 -14.99 7.46
CA ASN A 559 15.35 -13.68 6.87
C ASN A 559 16.63 -13.73 6.04
N TYR A 560 16.53 -13.32 4.79
CA TYR A 560 17.68 -13.35 3.90
C TYR A 560 17.93 -12.05 3.16
N ALA A 561 19.18 -11.88 2.72
CA ALA A 561 19.58 -10.71 1.95
C ALA A 561 19.71 -11.23 0.51
N VAL A 562 19.25 -10.44 -0.45
CA VAL A 562 19.31 -10.83 -1.85
C VAL A 562 20.44 -10.10 -2.54
N LYS A 563 21.19 -10.81 -3.38
CA LYS A 563 22.32 -10.22 -4.07
C LYS A 563 22.42 -10.80 -5.49
N VAL A 564 22.92 -10.00 -6.42
CA VAL A 564 23.08 -10.44 -7.81
C VAL A 564 24.53 -10.32 -8.26
N ALA A 565 25.02 -11.36 -8.92
CA ALA A 565 26.40 -11.36 -9.42
C ALA A 565 26.36 -11.51 -10.94
N ALA A 566 26.89 -10.53 -11.64
CA ALA A 566 26.93 -10.55 -13.11
C ALA A 566 28.34 -10.28 -13.58
N SER A 567 28.93 -11.27 -14.26
CA SER A 567 30.29 -11.18 -14.78
C SER A 567 31.32 -11.08 -13.65
N GLY A 568 31.11 -11.89 -12.61
CA GLY A 568 32.02 -11.91 -11.48
C GLY A 568 31.90 -10.81 -10.44
N VAL A 569 31.23 -9.71 -10.77
CA VAL A 569 31.06 -8.62 -9.81
C VAL A 569 29.73 -8.68 -9.05
N ASN A 570 29.83 -8.63 -7.72
CA ASN A 570 28.68 -8.67 -6.83
C ASN A 570 28.01 -7.31 -6.67
N SER A 571 26.67 -7.33 -6.69
CA SER A 571 25.89 -6.10 -6.53
C SER A 571 25.69 -5.80 -5.06
N ASN A 572 24.90 -4.78 -4.77
CA ASN A 572 24.58 -4.40 -3.41
C ASN A 572 23.56 -5.41 -2.89
N ALA A 573 23.45 -5.54 -1.58
CA ALA A 573 22.52 -6.49 -0.99
C ALA A 573 21.16 -5.87 -0.69
N TYR A 574 20.09 -6.51 -1.14
CA TYR A 574 18.75 -6.02 -0.86
C TYR A 574 18.34 -6.82 0.36
N ASN A 575 18.30 -6.15 1.51
CA ASN A 575 17.99 -6.81 2.77
C ASN A 575 16.53 -7.12 3.08
N ASN A 576 16.37 -7.92 4.12
CA ASN A 576 15.08 -8.33 4.65
C ASN A 576 14.07 -9.03 3.74
N PHE A 577 14.50 -10.15 3.16
CA PHE A 577 13.62 -10.94 2.31
C PHE A 577 13.20 -12.14 3.17
N THR A 578 11.90 -12.32 3.33
CA THR A 578 11.38 -13.41 4.16
C THR A 578 11.05 -14.68 3.38
N ILE A 579 11.71 -15.78 3.73
CA ILE A 579 11.43 -17.06 3.10
C ILE A 579 10.61 -17.88 4.09
N LEU A 580 9.44 -18.33 3.64
CA LEU A 580 8.55 -19.12 4.47
C LEU A 580 8.86 -20.61 4.39
N THR A 581 8.34 -21.37 5.36
CA THR A 581 8.54 -22.82 5.42
C THR A 581 7.77 -23.54 4.32
N GLY A 582 6.65 -22.96 3.92
CA GLY A 582 5.82 -23.54 2.87
C GLY A 582 4.48 -22.83 2.84
N ASP A 583 3.43 -23.55 2.47
CA ASP A 583 2.10 -22.96 2.44
C ASP A 583 1.70 -22.55 3.85
N GLN A 584 0.90 -21.49 3.95
CA GLN A 584 0.49 -20.97 5.24
C GLN A 584 -0.97 -21.22 5.58
N VAL A 585 -1.25 -21.32 6.87
CA VAL A 585 -2.61 -21.49 7.38
C VAL A 585 -2.66 -20.60 8.62
N THR A 586 -3.84 -20.10 8.97
CA THR A 586 -3.95 -19.25 10.14
C THR A 586 -4.45 -20.07 11.30
N VAL A 587 -3.69 -20.05 12.40
CA VAL A 587 -4.06 -20.80 13.59
C VAL A 587 -4.18 -19.86 14.79
N ARG A 588 -5.24 -20.07 15.57
CA ARG A 588 -5.47 -19.28 16.77
C ARG A 588 -4.92 -20.05 17.96
N PHE A 589 -3.90 -19.49 18.59
CA PHE A 589 -3.32 -20.12 19.76
C PHE A 589 -3.99 -19.54 20.99
N VAL A 590 -4.53 -20.43 21.83
CA VAL A 590 -5.21 -20.02 23.05
C VAL A 590 -4.54 -20.70 24.25
N VAL A 591 -4.19 -19.91 25.25
CA VAL A 591 -3.57 -20.41 26.47
C VAL A 591 -4.38 -20.00 27.69
N ASN A 592 -4.69 -20.96 28.54
CA ASN A 592 -5.47 -20.71 29.75
C ASN A 592 -4.60 -20.56 30.99
N ASN A 593 -5.12 -19.82 31.97
CA ASN A 593 -4.46 -19.60 33.25
C ASN A 593 -3.08 -18.99 33.22
N ALA A 594 -2.88 -18.02 32.33
CA ALA A 594 -1.60 -17.35 32.24
C ALA A 594 -1.70 -16.00 32.94
N SER A 595 -1.77 -16.02 34.26
CA SER A 595 -1.87 -14.79 35.04
C SER A 595 -0.53 -14.08 34.99
N THR A 596 -0.54 -12.76 34.83
CA THR A 596 0.68 -11.99 34.75
C THR A 596 0.83 -10.92 35.82
N THR A 597 1.93 -10.19 35.72
CA THR A 597 2.28 -9.10 36.62
C THR A 597 2.00 -7.78 35.88
N LEU A 598 1.90 -6.69 36.63
CA LEU A 598 1.65 -5.38 36.04
C LEU A 598 2.72 -5.03 34.99
N GLY A 599 2.26 -4.72 33.77
CA GLY A 599 3.17 -4.37 32.69
C GLY A 599 3.84 -5.55 32.00
N GLN A 600 3.52 -6.75 32.45
CA GLN A 600 4.08 -7.98 31.90
C GLN A 600 3.18 -8.52 30.79
N ASN A 601 3.77 -8.86 29.65
CA ASN A 601 3.01 -9.40 28.52
C ASN A 601 3.34 -10.85 28.18
N LEU A 602 2.42 -11.50 27.47
CA LEU A 602 2.60 -12.89 27.08
C LEU A 602 2.95 -12.96 25.60
N TYR A 603 3.98 -13.73 25.27
CA TYR A 603 4.41 -13.91 23.90
C TYR A 603 4.44 -15.40 23.54
N LEU A 604 4.67 -15.69 22.26
CA LEU A 604 4.69 -17.07 21.78
C LEU A 604 5.85 -17.32 20.82
N THR A 605 6.46 -18.49 20.93
CA THR A 605 7.56 -18.84 20.03
C THR A 605 7.59 -20.36 19.83
N GLY A 606 8.25 -20.81 18.76
CA GLY A 606 8.28 -22.23 18.47
C GLY A 606 9.37 -22.66 17.51
N ASN A 607 9.29 -23.91 17.06
CA ASN A 607 10.31 -24.47 16.18
C ASN A 607 10.35 -24.13 14.69
N VAL A 608 9.57 -23.13 14.26
CA VAL A 608 9.59 -22.72 12.86
C VAL A 608 9.86 -21.21 12.78
N ALA A 609 10.42 -20.76 11.66
CA ALA A 609 10.74 -19.35 11.49
C ALA A 609 9.49 -18.48 11.67
N GLU A 610 8.33 -18.98 11.26
CA GLU A 610 7.08 -18.23 11.40
C GLU A 610 6.75 -17.94 12.85
N LEU A 611 7.31 -18.73 13.76
CA LEU A 611 7.11 -18.54 15.20
C LEU A 611 8.34 -17.90 15.86
N GLY A 612 9.38 -17.68 15.07
CA GLY A 612 10.59 -17.05 15.59
C GLY A 612 11.78 -17.95 15.87
N ASN A 613 11.63 -19.25 15.65
CA ASN A 613 12.70 -20.22 15.89
C ASN A 613 13.27 -20.10 17.30
N TRP A 614 12.38 -20.21 18.29
CA TRP A 614 12.73 -20.14 19.70
C TRP A 614 13.34 -18.82 20.16
N SER A 615 13.05 -17.77 19.41
CA SER A 615 13.56 -16.44 19.75
C SER A 615 12.61 -15.78 20.75
N THR A 616 13.13 -14.79 21.47
CA THR A 616 12.33 -14.03 22.44
C THR A 616 12.44 -12.55 22.06
N GLY A 617 13.00 -12.30 20.88
CA GLY A 617 13.18 -10.94 20.41
C GLY A 617 12.01 -10.42 19.59
N SER A 618 12.32 -9.69 18.53
CA SER A 618 11.28 -9.11 17.68
C SER A 618 10.64 -10.12 16.73
N THR A 619 11.22 -11.31 16.63
CA THR A 619 10.66 -12.35 15.75
C THR A 619 9.66 -13.23 16.49
N ALA A 620 9.56 -13.06 17.81
CA ALA A 620 8.60 -13.82 18.60
C ALA A 620 7.22 -13.23 18.33
N ILE A 621 6.19 -14.06 18.48
CA ILE A 621 4.83 -13.63 18.23
C ILE A 621 4.19 -12.97 19.44
N GLY A 622 3.67 -11.76 19.26
CA GLY A 622 3.03 -11.07 20.36
C GLY A 622 3.21 -9.57 20.37
N PRO A 623 2.75 -8.87 21.43
CA PRO A 623 2.09 -9.49 22.59
C PRO A 623 0.68 -10.02 22.30
N ALA A 624 0.32 -11.10 22.98
CA ALA A 624 -0.99 -11.73 22.80
C ALA A 624 -2.13 -10.87 23.31
N PHE A 625 -3.34 -11.19 22.84
CA PHE A 625 -4.55 -10.46 23.22
C PHE A 625 -5.24 -11.14 24.40
N ASN A 626 -6.08 -10.40 25.12
CA ASN A 626 -6.79 -10.94 26.28
C ASN A 626 -8.07 -10.21 26.68
N GLN A 627 -8.77 -9.61 25.73
CA GLN A 627 -9.99 -8.85 26.03
C GLN A 627 -11.28 -9.28 25.35
N VAL A 628 -11.26 -9.32 24.01
CA VAL A 628 -12.45 -9.64 23.22
C VAL A 628 -12.88 -11.12 23.06
N ILE A 629 -12.19 -11.88 22.21
CA ILE A 629 -12.54 -13.28 21.97
C ILE A 629 -12.39 -14.14 23.22
N HIS A 630 -11.32 -13.90 23.98
CA HIS A 630 -11.05 -14.61 25.22
C HIS A 630 -10.59 -13.59 26.24
N GLN A 631 -10.98 -13.78 27.50
CA GLN A 631 -10.62 -12.84 28.56
C GLN A 631 -9.53 -13.32 29.50
N TYR A 632 -8.77 -12.36 30.02
CA TYR A 632 -7.70 -12.62 30.99
C TYR A 632 -8.32 -13.40 32.15
N PRO A 633 -7.59 -14.40 32.71
CA PRO A 633 -6.25 -14.89 32.40
C PRO A 633 -6.04 -15.79 31.16
N THR A 634 -6.99 -15.82 30.24
CA THR A 634 -6.84 -16.59 29.00
C THR A 634 -6.35 -15.59 27.95
N TRP A 635 -5.35 -15.99 27.18
CA TRP A 635 -4.79 -15.13 26.13
C TRP A 635 -4.94 -15.84 24.80
N TYR A 636 -4.82 -15.09 23.71
CA TYR A 636 -4.96 -15.67 22.37
C TYR A 636 -4.31 -14.80 21.30
N TYR A 637 -4.03 -15.41 20.15
CA TYR A 637 -3.43 -14.69 19.03
C TYR A 637 -3.53 -15.51 17.75
N ASP A 638 -3.80 -14.83 16.64
CA ASP A 638 -3.92 -15.48 15.33
C ASP A 638 -2.57 -15.39 14.64
N VAL A 639 -2.02 -16.55 14.29
CA VAL A 639 -0.70 -16.61 13.67
C VAL A 639 -0.68 -17.36 12.34
N SER A 640 0.02 -16.77 11.35
CA SER A 640 0.19 -17.41 10.04
C SER A 640 1.30 -18.43 10.26
N VAL A 641 0.98 -19.70 10.08
CA VAL A 641 1.94 -20.75 10.34
C VAL A 641 1.93 -21.78 9.18
N PRO A 642 3.03 -22.53 8.98
CA PRO A 642 3.08 -23.52 7.89
C PRO A 642 2.05 -24.65 7.96
N ALA A 643 1.50 -24.99 6.79
CA ALA A 643 0.48 -26.03 6.65
C ALA A 643 1.00 -27.47 6.75
N GLY A 644 0.22 -28.32 7.41
CA GLY A 644 0.59 -29.72 7.58
C GLY A 644 1.95 -29.95 8.19
N LYS A 645 2.26 -29.19 9.24
CA LYS A 645 3.55 -29.31 9.89
C LYS A 645 3.32 -29.57 11.38
N GLN A 646 4.21 -30.36 11.95
CA GLN A 646 4.14 -30.68 13.37
C GLN A 646 4.96 -29.62 14.08
N LEU A 647 4.27 -28.78 14.84
CA LEU A 647 4.91 -27.69 15.55
C LEU A 647 5.11 -27.93 17.04
N GLU A 648 6.15 -27.30 17.56
CA GLU A 648 6.48 -27.35 18.98
C GLU A 648 6.55 -25.89 19.38
N PHE A 649 5.94 -25.56 20.52
CA PHE A 649 5.93 -24.17 20.96
C PHE A 649 5.73 -24.03 22.45
N LYS A 650 5.99 -22.82 22.93
CA LYS A 650 5.85 -22.48 24.34
C LYS A 650 5.58 -20.99 24.45
N PHE A 651 4.84 -20.60 25.47
CA PHE A 651 4.55 -19.20 25.71
C PHE A 651 5.55 -18.70 26.73
N PHE A 652 5.76 -17.39 26.77
CA PHE A 652 6.68 -16.81 27.75
C PHE A 652 6.22 -15.41 28.14
N LYS A 653 6.51 -15.04 29.38
CA LYS A 653 6.15 -13.73 29.89
C LYS A 653 7.34 -12.81 29.80
N LYS A 654 7.09 -11.55 29.48
CA LYS A 654 8.16 -10.58 29.35
C LYS A 654 7.68 -9.18 29.72
N ASN A 655 8.31 -8.62 30.75
CA ASN A 655 8.00 -7.26 31.21
C ASN A 655 9.12 -6.35 30.72
N GLY A 656 10.24 -6.38 31.43
CA GLY A 656 11.38 -5.58 31.04
C GLY A 656 12.31 -6.50 30.25
N SER A 657 13.38 -6.92 30.90
CA SER A 657 14.36 -7.81 30.29
C SER A 657 14.33 -9.22 30.90
N THR A 658 13.34 -9.46 31.76
CA THR A 658 13.20 -10.77 32.42
C THR A 658 12.23 -11.68 31.67
N ILE A 659 12.72 -12.84 31.26
CA ILE A 659 11.93 -13.82 30.53
C ILE A 659 11.52 -14.99 31.43
N THR A 660 10.22 -15.29 31.47
CA THR A 660 9.70 -16.40 32.26
C THR A 660 9.02 -17.35 31.28
N TRP A 661 9.65 -18.48 31.04
CA TRP A 661 9.13 -19.49 30.13
C TRP A 661 8.15 -20.42 30.82
N GLU A 662 7.40 -21.18 30.02
CA GLU A 662 6.48 -22.17 30.55
C GLU A 662 7.40 -23.32 30.98
N SER A 663 7.05 -23.98 32.07
CA SER A 663 7.84 -25.13 32.53
C SER A 663 7.36 -26.39 31.79
N GLY A 664 7.93 -27.54 32.13
CA GLY A 664 7.54 -28.78 31.48
C GLY A 664 7.98 -28.92 30.04
N SER A 665 7.35 -29.84 29.32
CA SER A 665 7.68 -30.09 27.90
C SER A 665 6.96 -29.11 26.97
N ASN A 666 7.51 -28.95 25.77
CA ASN A 666 6.93 -28.08 24.75
C ASN A 666 5.55 -28.61 24.36
N HIS A 667 4.66 -27.70 23.97
CA HIS A 667 3.33 -28.10 23.52
C HIS A 667 3.52 -28.51 22.05
N THR A 668 2.69 -29.44 21.58
CA THR A 668 2.77 -29.87 20.19
C THR A 668 1.43 -29.77 19.51
N PHE A 669 1.48 -29.55 18.20
CA PHE A 669 0.28 -29.41 17.39
C PHE A 669 0.65 -29.59 15.92
N THR A 670 -0.13 -30.41 15.22
CA THR A 670 0.06 -30.63 13.79
C THR A 670 -0.98 -29.73 13.11
N THR A 671 -0.50 -28.80 12.30
CA THR A 671 -1.38 -27.87 11.60
C THR A 671 -2.14 -28.52 10.46
N PRO A 672 -3.33 -27.98 10.12
CA PRO A 672 -4.13 -28.54 9.02
C PRO A 672 -3.46 -28.31 7.66
N ALA A 673 -3.88 -29.08 6.66
CA ALA A 673 -3.32 -28.95 5.31
C ALA A 673 -3.76 -27.64 4.65
N SER A 674 -4.90 -27.13 5.08
CA SER A 674 -5.44 -25.87 4.56
C SER A 674 -6.48 -25.29 5.52
N GLY A 675 -6.79 -24.02 5.31
CA GLY A 675 -7.79 -23.35 6.12
C GLY A 675 -7.31 -22.72 7.41
N THR A 676 -8.08 -22.98 8.48
CA THR A 676 -7.78 -22.46 9.80
C THR A 676 -7.97 -23.51 10.88
N ALA A 677 -7.50 -23.20 12.08
CA ALA A 677 -7.59 -24.10 13.22
C ALA A 677 -7.40 -23.33 14.51
N THR A 678 -7.85 -23.92 15.61
CA THR A 678 -7.73 -23.33 16.94
C THR A 678 -7.10 -24.36 17.86
N VAL A 679 -6.01 -23.99 18.52
CA VAL A 679 -5.34 -24.90 19.45
C VAL A 679 -5.32 -24.26 20.84
N THR A 680 -5.93 -24.95 21.80
CA THR A 680 -6.01 -24.47 23.18
C THR A 680 -5.12 -25.29 24.13
N VAL A 681 -4.35 -24.60 24.96
CA VAL A 681 -3.49 -25.27 25.93
C VAL A 681 -3.56 -24.55 27.26
N ASN A 682 -2.97 -25.16 28.29
CA ASN A 682 -2.92 -24.58 29.62
C ASN A 682 -1.50 -24.18 29.93
N TRP A 683 -1.34 -23.04 30.59
CA TRP A 683 -0.01 -22.55 30.94
C TRP A 683 0.64 -23.52 31.92
N GLN A 684 1.82 -24.01 31.55
CA GLN A 684 2.58 -24.94 32.38
C GLN A 684 3.54 -24.19 33.30
#